data_5BQJ
#
_entry.id   5BQJ
#
_cell.length_a   75.975
_cell.length_b   75.975
_cell.length_c   489.218
_cell.angle_alpha   90.00
_cell.angle_beta   90.00
_cell.angle_gamma   90.00
#
_symmetry.space_group_name_H-M   'I 41 2 2'
#
loop_
_entity.id
_entity.type
_entity.pdbx_description
1 polymer 'ATP synthase subunit 9, mitochondrial'
2 non-polymer 21-hydroxy-oligomycin
3 water water
#
_entity_poly.entity_id   1
_entity_poly.type   'polypeptide(L)'
_entity_poly.pdbx_seq_one_letter_code
;(FME)QLVLAAKYIGAGISTIGLLGAGIGIAIVFAALINGVSRNPSIKDTVFPMAILGFALSEATGLFCLMVSFLLLFGV
;
_entity_poly.pdbx_strand_id   A,B,C,D,E,K,L,M,N,O
#
# COMPACT_ATOMS: atom_id res chain seq x y z
N GLN A 2 -25.95 21.48 -29.70
CA GLN A 2 -26.95 21.79 -28.64
C GLN A 2 -26.72 20.90 -27.42
N LEU A 3 -26.40 19.64 -27.69
CA LEU A 3 -26.13 18.65 -26.66
C LEU A 3 -24.85 18.96 -25.85
N VAL A 4 -23.80 19.37 -26.55
CA VAL A 4 -22.54 19.76 -25.92
C VAL A 4 -22.74 21.01 -25.06
N LEU A 5 -23.46 21.99 -25.62
CA LEU A 5 -23.82 23.21 -24.87
C LEU A 5 -24.63 22.90 -23.60
N ALA A 6 -25.63 22.03 -23.76
CA ALA A 6 -26.41 21.58 -22.60
C ALA A 6 -25.51 20.98 -21.51
N ALA A 7 -24.58 20.14 -21.94
CA ALA A 7 -23.64 19.47 -21.04
C ALA A 7 -22.77 20.45 -20.26
N LYS A 8 -22.31 21.50 -20.93
CA LYS A 8 -21.49 22.52 -20.31
C LYS A 8 -22.23 23.20 -19.15
N TYR A 9 -23.52 23.45 -19.33
CA TYR A 9 -24.36 24.11 -18.33
C TYR A 9 -24.67 23.22 -17.13
N ILE A 10 -25.03 21.96 -17.39
CA ILE A 10 -25.20 20.95 -16.35
C ILE A 10 -23.89 20.76 -15.57
N GLY A 11 -22.78 20.59 -16.28
CA GLY A 11 -21.45 20.43 -15.67
C GLY A 11 -21.07 21.63 -14.80
N ALA A 12 -21.37 22.83 -15.27
CA ALA A 12 -21.11 24.06 -14.51
C ALA A 12 -21.87 24.09 -13.17
N GLY A 13 -23.13 23.66 -13.20
CA GLY A 13 -23.91 23.50 -11.95
C GLY A 13 -23.32 22.44 -11.03
N ILE A 14 -22.95 21.29 -11.60
CA ILE A 14 -22.37 20.20 -10.79
C ILE A 14 -21.05 20.64 -10.12
N SER A 15 -20.30 21.49 -10.83
CA SER A 15 -18.99 21.96 -10.40
CA SER A 15 -18.98 21.97 -10.40
CA SER A 15 -18.98 21.91 -10.36
C SER A 15 -19.02 22.87 -9.17
N THR A 16 -20.20 23.37 -8.81
CA THR A 16 -20.29 24.21 -7.61
C THR A 16 -20.51 23.40 -6.33
N ILE A 17 -20.91 22.12 -6.46
CA ILE A 17 -21.20 21.30 -5.27
C ILE A 17 -20.03 21.31 -4.28
N GLY A 18 -18.81 21.08 -4.79
CA GLY A 18 -17.61 21.02 -3.97
C GLY A 18 -17.30 22.26 -3.13
N LEU A 19 -17.91 23.40 -3.48
CA LEU A 19 -17.82 24.62 -2.65
C LEU A 19 -18.36 24.46 -1.23
N LEU A 20 -19.19 23.45 -1.01
CA LEU A 20 -19.71 23.22 0.35
C LEU A 20 -18.58 22.84 1.31
N GLY A 21 -17.51 22.21 0.78
CA GLY A 21 -16.33 21.84 1.58
C GLY A 21 -15.63 23.06 2.17
N ALA A 22 -15.47 24.08 1.33
CA ALA A 22 -14.91 25.37 1.77
C ALA A 22 -15.83 26.08 2.74
N GLY A 23 -17.15 26.02 2.47
CA GLY A 23 -18.11 26.64 3.37
C GLY A 23 -17.98 26.12 4.79
N ILE A 24 -17.95 24.79 4.91
CA ILE A 24 -17.78 24.10 6.19
C ILE A 24 -16.34 24.29 6.72
N GLY A 25 -15.35 24.10 5.85
CA GLY A 25 -13.96 24.18 6.28
C GLY A 25 -13.54 25.55 6.82
N ILE A 26 -13.91 26.61 6.13
CA ILE A 26 -13.65 27.98 6.63
C ILE A 26 -14.21 28.14 8.05
N ALA A 27 -15.40 27.60 8.24
CA ALA A 27 -16.10 27.73 9.52
C ALA A 27 -15.40 26.91 10.63
N ILE A 28 -14.93 25.72 10.29
CA ILE A 28 -14.15 24.88 11.24
C ILE A 28 -12.90 25.64 11.76
N VAL A 29 -12.25 26.37 10.86
CA VAL A 29 -11.02 27.09 11.23
C VAL A 29 -11.38 28.23 12.19
N PHE A 30 -12.38 29.02 11.82
CA PHE A 30 -12.82 30.11 12.68
C PHE A 30 -13.36 29.66 14.03
N ALA A 31 -14.04 28.50 14.06
CA ALA A 31 -14.51 27.92 15.33
C ALA A 31 -13.34 27.62 16.26
N ALA A 32 -12.26 27.04 15.71
CA ALA A 32 -11.07 26.72 16.48
C ALA A 32 -10.37 27.99 16.99
N LEU A 33 -10.28 29.02 16.12
CA LEU A 33 -9.71 30.34 16.51
C LEU A 33 -10.50 30.91 17.70
N ILE A 34 -11.83 30.92 17.59
CA ILE A 34 -12.68 31.45 18.65
C ILE A 34 -12.54 30.67 19.97
N ASN A 35 -12.63 29.33 19.88
CA ASN A 35 -12.50 28.51 21.07
CA ASN A 35 -12.46 28.43 21.04
C ASN A 35 -11.08 28.63 21.65
N GLY A 36 -10.07 28.67 20.77
CA GLY A 36 -8.69 28.83 21.22
C GLY A 36 -8.42 30.12 21.98
N VAL A 37 -8.88 31.24 21.42
CA VAL A 37 -8.73 32.54 22.05
C VAL A 37 -9.55 32.64 23.36
N SER A 38 -10.77 32.09 23.37
CA SER A 38 -11.60 32.11 24.59
CA SER A 38 -11.60 32.12 24.59
CA SER A 38 -11.60 32.11 24.59
C SER A 38 -10.94 31.38 25.76
N ARG A 39 -10.34 30.22 25.47
CA ARG A 39 -9.65 29.43 26.50
C ARG A 39 -8.31 30.05 26.93
N ASN A 40 -7.63 30.73 25.99
CA ASN A 40 -6.31 31.32 26.25
C ASN A 40 -6.16 32.64 25.48
N PRO A 41 -6.74 33.74 25.98
CA PRO A 41 -6.66 35.02 25.27
C PRO A 41 -5.24 35.45 24.87
N SER A 42 -4.24 35.14 25.70
CA SER A 42 -2.86 35.53 25.42
C SER A 42 -2.29 34.91 24.14
N ILE A 43 -2.91 33.87 23.61
CA ILE A 43 -2.37 33.20 22.42
C ILE A 43 -2.88 33.81 21.10
N LYS A 44 -3.78 34.80 21.21
CA LYS A 44 -4.44 35.39 20.04
C LYS A 44 -3.48 35.72 18.88
N ASP A 45 -2.42 36.46 19.19
CA ASP A 45 -1.46 36.96 18.19
C ASP A 45 -0.74 35.80 17.51
N THR A 46 -0.60 34.66 18.19
CA THR A 46 0.05 33.49 17.60
C THR A 46 -0.90 32.71 16.68
N VAL A 47 -2.14 32.52 17.12
CA VAL A 47 -3.03 31.63 16.38
C VAL A 47 -3.75 32.32 15.22
N PHE A 48 -3.89 33.64 15.29
CA PHE A 48 -4.59 34.37 14.24
C PHE A 48 -3.95 34.18 12.87
N PRO A 49 -2.61 34.38 12.75
CA PRO A 49 -2.01 34.09 11.43
C PRO A 49 -2.26 32.65 10.96
N MET A 50 -2.31 31.69 11.90
CA MET A 50 -2.56 30.27 11.56
C MET A 50 -3.96 30.09 10.99
N ALA A 51 -4.92 30.83 11.54
CA ALA A 51 -6.29 30.79 11.08
C ALA A 51 -6.43 31.41 9.68
N ILE A 52 -5.70 32.48 9.41
CA ILE A 52 -5.71 33.10 8.08
C ILE A 52 -5.18 32.11 7.05
N LEU A 53 -4.07 31.44 7.39
CA LEU A 53 -3.46 30.48 6.50
C LEU A 53 -4.42 29.32 6.24
N GLY A 54 -5.00 28.80 7.32
CA GLY A 54 -5.91 27.67 7.23
C GLY A 54 -7.15 27.96 6.39
N PHE A 55 -7.81 29.08 6.66
CA PHE A 55 -9.02 29.40 5.90
C PHE A 55 -8.67 29.66 4.42
N ALA A 56 -7.53 30.32 4.17
CA ALA A 56 -7.11 30.58 2.78
C ALA A 56 -6.87 29.27 2.00
N LEU A 57 -6.24 28.30 2.63
CA LEU A 57 -5.98 26.99 2.00
C LEU A 57 -7.29 26.20 1.79
N SER A 58 -8.20 26.27 2.76
CA SER A 58 -9.52 25.64 2.63
C SER A 58 -10.38 26.26 1.52
N GLU A 59 -10.48 27.59 1.53
CA GLU A 59 -11.21 28.34 0.49
C GLU A 59 -10.68 28.10 -0.94
N ALA A 60 -9.37 27.93 -1.09
CA ALA A 60 -8.76 27.68 -2.41
C ALA A 60 -9.33 26.41 -3.08
N THR A 61 -9.65 25.38 -2.27
CA THR A 61 -10.33 24.19 -2.82
C THR A 61 -11.65 24.54 -3.49
N GLY A 62 -12.38 25.48 -2.88
CA GLY A 62 -13.65 25.93 -3.46
C GLY A 62 -13.41 26.73 -4.72
N LEU A 63 -12.36 27.54 -4.71
CA LEU A 63 -12.00 28.34 -5.87
C LEU A 63 -11.60 27.46 -7.07
N PHE A 64 -10.94 26.33 -6.80
CA PHE A 64 -10.63 25.37 -7.87
C PHE A 64 -11.92 24.81 -8.51
N CYS A 65 -12.93 24.55 -7.69
CA CYS A 65 -14.27 24.18 -8.19
C CYS A 65 -14.90 25.26 -9.06
N LEU A 66 -14.90 26.49 -8.55
CA LEU A 66 -15.50 27.62 -9.25
C LEU A 66 -14.77 27.88 -10.57
N MET A 67 -13.48 27.60 -10.60
CA MET A 67 -12.68 27.76 -11.84
C MET A 67 -13.14 26.80 -12.94
N VAL A 68 -13.41 25.55 -12.56
CA VAL A 68 -13.90 24.57 -13.54
C VAL A 68 -15.27 25.03 -13.99
N SER A 69 -16.06 25.51 -13.06
CA SER A 69 -17.37 26.03 -13.36
C SER A 69 -17.31 27.11 -14.46
N PHE A 70 -16.42 28.08 -14.28
CA PHE A 70 -16.33 29.19 -15.19
C PHE A 70 -15.68 28.80 -16.51
N LEU A 71 -14.81 27.78 -16.47
CA LEU A 71 -14.28 27.22 -17.72
C LEU A 71 -15.39 26.64 -18.61
N LEU A 72 -16.34 25.96 -17.96
CA LEU A 72 -17.46 25.34 -18.68
C LEU A 72 -18.46 26.38 -19.18
N LEU A 73 -18.66 27.44 -18.40
CA LEU A 73 -19.61 28.48 -18.76
C LEU A 73 -19.16 29.42 -19.89
N PHE A 74 -17.88 29.78 -19.90
CA PHE A 74 -17.39 30.82 -20.81
C PHE A 74 -16.37 30.29 -21.84
N GLN B 2 -20.58 14.32 -30.48
CA GLN B 2 -21.41 15.25 -29.64
C GLN B 2 -21.65 14.62 -28.28
N LEU B 3 -22.01 13.34 -28.30
CA LEU B 3 -22.27 12.59 -27.07
C LEU B 3 -21.03 12.44 -26.20
N VAL B 4 -19.90 12.13 -26.82
CA VAL B 4 -18.63 11.96 -26.12
C VAL B 4 -18.15 13.27 -25.50
N LEU B 5 -18.26 14.36 -26.27
CA LEU B 5 -17.86 15.69 -25.78
CA LEU B 5 -17.88 15.70 -25.79
C LEU B 5 -18.77 16.12 -24.63
N ALA B 6 -20.08 15.92 -24.81
CA ALA B 6 -21.04 16.19 -23.75
C ALA B 6 -20.64 15.45 -22.47
N ALA B 7 -20.24 14.18 -22.62
CA ALA B 7 -19.88 13.37 -21.47
C ALA B 7 -18.60 13.83 -20.77
N LYS B 8 -17.63 14.33 -21.55
CA LYS B 8 -16.37 14.87 -21.02
C LYS B 8 -16.64 16.07 -20.11
N TYR B 9 -17.59 16.90 -20.51
CA TYR B 9 -17.87 18.14 -19.82
C TYR B 9 -18.66 17.91 -18.53
N ILE B 10 -19.61 16.99 -18.58
CA ILE B 10 -20.35 16.62 -17.37
C ILE B 10 -19.44 15.87 -16.41
N GLY B 11 -18.63 14.96 -16.95
CA GLY B 11 -17.62 14.25 -16.17
C GLY B 11 -16.63 15.18 -15.48
N ALA B 12 -16.19 16.22 -16.19
CA ALA B 12 -15.29 17.23 -15.60
C ALA B 12 -15.91 17.89 -14.37
N GLY B 13 -17.17 18.29 -14.49
CA GLY B 13 -17.91 18.90 -13.37
C GLY B 13 -18.05 17.97 -12.17
N ILE B 14 -18.43 16.72 -12.45
CA ILE B 14 -18.56 15.68 -11.43
C ILE B 14 -17.23 15.44 -10.69
N SER B 15 -16.13 15.53 -11.43
CA SER B 15 -14.79 15.26 -10.89
CA SER B 15 -14.83 15.22 -10.83
CA SER B 15 -14.77 15.28 -10.91
C SER B 15 -14.31 16.29 -9.87
N THR B 16 -15.00 17.43 -9.78
CA THR B 16 -14.63 18.43 -8.78
C THR B 16 -15.34 18.21 -7.43
N ILE B 17 -16.37 17.36 -7.40
CA ILE B 17 -17.10 17.08 -6.15
C ILE B 17 -16.12 16.68 -5.05
N GLY B 18 -15.16 15.82 -5.41
CA GLY B 18 -14.22 15.28 -4.43
C GLY B 18 -13.40 16.30 -3.67
N LEU B 19 -13.28 17.50 -4.23
CA LEU B 19 -12.54 18.61 -3.63
C LEU B 19 -13.10 19.09 -2.29
N LEU B 20 -14.38 18.81 -2.04
CA LEU B 20 -14.98 19.15 -0.73
C LEU B 20 -14.24 18.40 0.41
N GLY B 21 -13.67 17.24 0.12
CA GLY B 21 -12.90 16.47 1.11
C GLY B 21 -11.65 17.21 1.59
N ALA B 22 -10.87 17.73 0.65
CA ALA B 22 -9.71 18.58 0.97
C ALA B 22 -10.12 19.88 1.67
N GLY B 23 -11.22 20.50 1.24
CA GLY B 23 -11.69 21.73 1.86
C GLY B 23 -12.02 21.56 3.34
N ILE B 24 -12.73 20.47 3.65
CA ILE B 24 -13.01 20.12 5.03
C ILE B 24 -11.72 19.65 5.74
N GLY B 25 -10.99 18.72 5.13
CA GLY B 25 -9.83 18.14 5.78
C GLY B 25 -8.75 19.16 6.13
N ILE B 26 -8.41 20.02 5.17
CA ILE B 26 -7.41 21.06 5.43
C ILE B 26 -7.79 21.87 6.67
N ALA B 27 -9.07 22.19 6.77
CA ALA B 27 -9.59 22.94 7.89
C ALA B 27 -9.48 22.17 9.21
N ILE B 28 -9.78 20.87 9.16
CA ILE B 28 -9.64 20.00 10.34
C ILE B 28 -8.20 20.01 10.91
N VAL B 29 -7.20 19.94 10.03
CA VAL B 29 -5.80 19.95 10.44
C VAL B 29 -5.45 21.32 11.08
N PHE B 30 -5.83 22.40 10.43
CA PHE B 30 -5.53 23.72 10.98
C PHE B 30 -6.27 24.01 12.29
N ALA B 31 -7.49 23.49 12.45
CA ALA B 31 -8.25 23.65 13.70
C ALA B 31 -7.52 22.95 14.85
N ALA B 32 -6.96 21.77 14.57
CA ALA B 32 -6.18 21.05 15.56
C ALA B 32 -4.89 21.80 15.95
N LEU B 33 -4.26 22.42 14.95
CA LEU B 33 -3.06 23.22 15.16
C LEU B 33 -3.37 24.38 16.12
N ILE B 34 -4.47 25.08 15.83
CA ILE B 34 -4.91 26.23 16.63
C ILE B 34 -5.28 25.78 18.05
N ASN B 35 -6.06 24.70 18.14
CA ASN B 35 -6.46 24.22 19.46
CA ASN B 35 -6.49 24.11 19.42
C ASN B 35 -5.26 23.69 20.22
N GLY B 36 -4.36 22.99 19.53
CA GLY B 36 -3.17 22.44 20.18
C GLY B 36 -2.26 23.53 20.74
N VAL B 37 -2.02 24.56 19.94
CA VAL B 37 -1.17 25.67 20.36
C VAL B 37 -1.82 26.50 21.47
N SER B 38 -3.15 26.67 21.43
CA SER B 38 -3.85 27.40 22.48
CA SER B 38 -3.85 27.41 22.49
CA SER B 38 -3.85 27.40 22.49
C SER B 38 -3.67 26.72 23.84
N ARG B 39 -3.81 25.40 23.85
CA ARG B 39 -3.67 24.61 25.08
C ARG B 39 -2.23 24.48 25.55
N ASN B 40 -1.27 24.51 24.61
CA ASN B 40 0.15 24.38 24.93
C ASN B 40 1.03 25.25 24.01
N PRO B 41 1.16 26.56 24.31
CA PRO B 41 1.91 27.44 23.42
C PRO B 41 3.31 26.95 23.08
N SER B 42 3.98 26.32 24.03
CA SER B 42 5.36 25.89 23.81
C SER B 42 5.51 24.76 22.77
N ILE B 43 4.41 24.09 22.39
CA ILE B 43 4.49 23.02 21.39
C ILE B 43 4.45 23.52 19.91
N LYS B 44 4.28 24.82 19.70
CA LYS B 44 4.09 25.37 18.36
C LYS B 44 5.11 24.87 17.30
N ASP B 45 6.40 25.04 17.58
CA ASP B 45 7.46 24.70 16.62
C ASP B 45 7.44 23.20 16.29
N THR B 46 6.91 22.38 17.19
CA THR B 46 6.78 20.94 16.99
C THR B 46 5.57 20.58 16.10
N VAL B 47 4.41 21.17 16.39
CA VAL B 47 3.20 20.77 15.65
C VAL B 47 2.98 21.51 14.34
N PHE B 48 3.56 22.70 14.20
CA PHE B 48 3.38 23.43 12.96
C PHE B 48 3.85 22.63 11.73
N PRO B 49 5.07 22.03 11.77
CA PRO B 49 5.44 21.20 10.59
C PRO B 49 4.54 19.97 10.36
N MET B 50 3.90 19.46 11.42
CA MET B 50 2.96 18.33 11.26
C MET B 50 1.69 18.79 10.56
N ALA B 51 1.25 20.00 10.90
CA ALA B 51 0.09 20.61 10.24
C ALA B 51 0.35 20.86 8.75
N ILE B 52 1.57 21.30 8.44
CA ILE B 52 1.97 21.50 7.05
C ILE B 52 1.94 20.17 6.29
N LEU B 53 2.50 19.12 6.90
CA LEU B 53 2.48 17.77 6.27
C LEU B 53 1.03 17.29 6.07
N GLY B 54 0.21 17.45 7.11
CA GLY B 54 -1.20 17.05 7.09
C GLY B 54 -2.00 17.74 6.00
N PHE B 55 -1.88 19.06 5.95
CA PHE B 55 -2.48 19.87 4.89
C PHE B 55 -2.08 19.27 3.52
N ALA B 56 -0.79 19.07 3.30
CA ALA B 56 -0.31 18.66 1.98
C ALA B 56 -0.86 17.30 1.55
N LEU B 57 -0.94 16.35 2.48
CA LEU B 57 -1.45 15.02 2.15
C LEU B 57 -2.96 15.05 1.91
N SER B 58 -3.69 15.84 2.69
CA SER B 58 -5.14 16.01 2.46
C SER B 58 -5.39 16.71 1.12
N GLU B 59 -4.67 17.81 0.89
CA GLU B 59 -4.70 18.56 -0.36
C GLU B 59 -4.47 17.68 -1.60
N ALA B 60 -3.52 16.75 -1.51
CA ALA B 60 -3.22 15.87 -2.62
C ALA B 60 -4.46 15.14 -3.15
N THR B 61 -5.37 14.74 -2.26
CA THR B 61 -6.57 14.04 -2.73
C THR B 61 -7.37 14.93 -3.67
N GLY B 62 -7.39 16.23 -3.35
CA GLY B 62 -8.04 17.22 -4.20
C GLY B 62 -7.33 17.42 -5.51
N LEU B 63 -5.99 17.39 -5.47
CA LEU B 63 -5.17 17.45 -6.68
C LEU B 63 -5.55 16.31 -7.63
N PHE B 64 -5.70 15.10 -7.12
CA PHE B 64 -6.07 13.96 -7.97
C PHE B 64 -7.44 14.17 -8.66
N CYS B 65 -8.39 14.75 -7.92
CA CYS B 65 -9.72 15.06 -8.47
C CYS B 65 -9.64 16.09 -9.59
N LEU B 66 -8.89 17.16 -9.33
CA LEU B 66 -8.70 18.23 -10.31
C LEU B 66 -7.92 17.75 -11.54
N MET B 67 -6.99 16.82 -11.34
CA MET B 67 -6.24 16.21 -12.44
C MET B 67 -7.17 15.50 -13.42
N VAL B 68 -8.07 14.67 -12.88
CA VAL B 68 -9.05 13.96 -13.71
C VAL B 68 -9.98 14.97 -14.42
N SER B 69 -10.43 15.97 -13.67
CA SER B 69 -11.26 17.03 -14.22
C SER B 69 -10.60 17.68 -15.45
N PHE B 70 -9.32 18.01 -15.34
CA PHE B 70 -8.61 18.67 -16.43
C PHE B 70 -8.29 17.71 -17.60
N LEU B 71 -8.04 16.44 -17.27
CA LEU B 71 -7.90 15.41 -18.29
C LEU B 71 -9.17 15.29 -19.14
N LEU B 72 -10.32 15.27 -18.46
CA LEU B 72 -11.61 15.24 -19.16
C LEU B 72 -11.83 16.51 -19.97
N LEU B 73 -11.46 17.66 -19.41
CA LEU B 73 -11.64 18.93 -20.09
C LEU B 73 -10.73 19.13 -21.31
N PHE B 74 -9.47 18.71 -21.18
CA PHE B 74 -8.43 19.09 -22.15
C PHE B 74 -7.61 17.93 -22.73
N GLY B 75 -7.42 16.87 -21.96
CA GLY B 75 -6.49 15.81 -22.34
C GLY B 75 -7.20 14.56 -22.83
N GLN C 2 -19.75 5.45 -29.61
CA GLN C 2 -20.03 6.79 -29.00
C GLN C 2 -20.57 6.66 -27.58
N LEU C 3 -21.53 5.76 -27.40
CA LEU C 3 -22.20 5.58 -26.12
C LEU C 3 -21.25 5.02 -25.06
N VAL C 4 -20.41 4.06 -25.45
CA VAL C 4 -19.48 3.40 -24.53
C VAL C 4 -18.38 4.34 -24.05
N LEU C 5 -17.77 5.06 -24.99
CA LEU C 5 -16.77 6.08 -24.66
C LEU C 5 -17.32 7.14 -23.71
N ALA C 6 -18.51 7.64 -24.03
CA ALA C 6 -19.20 8.64 -23.17
C ALA C 6 -19.40 8.11 -21.76
N ALA C 7 -19.81 6.85 -21.67
CA ALA C 7 -20.03 6.19 -20.40
C ALA C 7 -18.73 6.04 -19.62
N LYS C 8 -17.63 5.77 -20.32
CA LYS C 8 -16.32 5.64 -19.67
C LYS C 8 -15.93 6.97 -19.04
N TYR C 9 -16.26 8.06 -19.73
CA TYR C 9 -15.86 9.39 -19.29
C TYR C 9 -16.70 9.90 -18.11
N ILE C 10 -18.01 9.63 -18.13
CA ILE C 10 -18.88 9.96 -17.00
C ILE C 10 -18.47 9.10 -15.80
N GLY C 11 -18.31 7.80 -16.02
CA GLY C 11 -17.84 6.88 -14.97
C GLY C 11 -16.53 7.30 -14.32
N ALA C 12 -15.59 7.78 -15.14
CA ALA C 12 -14.31 8.27 -14.63
C ALA C 12 -14.48 9.45 -13.68
N GLY C 13 -15.34 10.39 -14.05
CA GLY C 13 -15.67 11.52 -13.19
C GLY C 13 -16.32 11.08 -11.88
N ILE C 14 -17.27 10.16 -11.96
CA ILE C 14 -17.97 9.66 -10.76
C ILE C 14 -17.01 8.95 -9.79
N SER C 15 -16.01 8.26 -10.37
CA SER C 15 -15.02 7.48 -9.62
CA SER C 15 -15.09 7.48 -9.55
CA SER C 15 -15.05 7.47 -9.60
C SER C 15 -14.12 8.31 -8.70
N THR C 16 -14.05 9.61 -8.94
CA THR C 16 -13.21 10.45 -8.07
C THR C 16 -13.94 10.95 -6.80
N ILE C 17 -15.27 10.82 -6.76
CA ILE C 17 -16.07 11.26 -5.60
C ILE C 17 -15.53 10.65 -4.31
N GLY C 18 -15.26 9.35 -4.34
CA GLY C 18 -14.79 8.61 -3.16
C GLY C 18 -13.52 9.15 -2.52
N LEU C 19 -12.73 9.89 -3.30
CA LEU C 19 -11.51 10.54 -2.80
C LEU C 19 -11.75 11.52 -1.66
N LEU C 20 -12.96 12.07 -1.59
CA LEU C 20 -13.28 12.99 -0.49
C LEU C 20 -13.08 12.30 0.86
N GLY C 21 -13.26 10.97 0.88
CA GLY C 21 -13.14 10.19 2.11
C GLY C 21 -11.73 10.19 2.66
N ALA C 22 -10.75 9.98 1.77
CA ALA C 22 -9.33 10.09 2.10
C ALA C 22 -8.95 11.54 2.43
N GLY C 23 -9.49 12.51 1.68
CA GLY C 23 -9.22 13.93 2.02
C GLY C 23 -9.58 14.27 3.46
N ILE C 24 -10.75 13.79 3.90
CA ILE C 24 -11.21 14.03 5.26
C ILE C 24 -10.45 13.13 6.25
N GLY C 25 -10.30 11.85 5.90
CA GLY C 25 -9.67 10.90 6.79
C GLY C 25 -8.23 11.27 7.11
N ILE C 26 -7.45 11.63 6.08
CA ILE C 26 -6.05 12.00 6.30
C ILE C 26 -5.98 13.11 7.34
N ALA C 27 -6.85 14.08 7.18
CA ALA C 27 -6.94 15.22 8.08
C ALA C 27 -7.31 14.81 9.52
N ILE C 28 -8.25 13.89 9.67
CA ILE C 28 -8.66 13.39 11.00
C ILE C 28 -7.46 12.78 11.75
N VAL C 29 -6.64 12.02 11.02
CA VAL C 29 -5.45 11.41 11.61
C VAL C 29 -4.44 12.47 12.08
N PHE C 30 -4.12 13.40 11.20
CA PHE C 30 -3.18 14.43 11.56
C PHE C 30 -3.69 15.35 12.69
N ALA C 31 -5.01 15.61 12.72
CA ALA C 31 -5.59 16.39 13.83
C ALA C 31 -5.35 15.69 15.17
N ALA C 32 -5.53 14.36 15.19
CA ALA C 32 -5.28 13.57 16.38
C ALA C 32 -3.81 13.60 16.80
N LEU C 33 -2.92 13.51 15.81
CA LEU C 33 -1.47 13.60 16.03
C LEU C 33 -1.10 14.91 16.72
N ILE C 34 -1.59 16.00 16.15
CA ILE C 34 -1.38 17.34 16.69
C ILE C 34 -1.97 17.49 18.12
N ASN C 35 -3.22 17.08 18.32
CA ASN C 35 -3.82 17.20 19.64
CA ASN C 35 -3.88 17.13 19.64
C ASN C 35 -3.12 16.26 20.64
N GLY C 36 -2.71 15.09 20.19
CA GLY C 36 -2.02 14.13 21.05
C GLY C 36 -0.66 14.63 21.50
N VAL C 37 0.09 15.23 20.57
CA VAL C 37 1.39 15.81 20.90
C VAL C 37 1.27 17.07 21.78
N SER C 38 0.28 17.93 21.53
CA SER C 38 0.09 19.13 22.34
CA SER C 38 0.11 19.12 22.34
CA SER C 38 0.10 19.13 22.34
C SER C 38 -0.16 18.77 23.81
N ARG C 39 -0.96 17.71 24.02
CA ARG C 39 -1.30 17.26 25.38
C ARG C 39 -0.18 16.48 26.07
N ASN C 40 0.60 15.73 25.29
CA ASN C 40 1.68 14.90 25.83
C ASN C 40 2.86 14.94 24.84
N PRO C 41 3.65 16.03 24.86
CA PRO C 41 4.78 16.18 23.95
C PRO C 41 5.73 14.98 23.97
N SER C 42 5.91 14.36 25.14
CA SER C 42 6.77 13.17 25.26
C SER C 42 6.30 11.97 24.42
N ILE C 43 5.02 11.93 24.01
CA ILE C 43 4.52 10.77 23.23
C ILE C 43 4.82 10.84 21.71
N LYS C 44 5.36 11.96 21.25
CA LYS C 44 5.55 12.23 19.81
C LYS C 44 6.12 11.06 18.97
N ASP C 45 7.23 10.48 19.42
CA ASP C 45 7.92 9.40 18.70
C ASP C 45 7.08 8.14 18.61
N THR C 46 6.18 7.95 19.59
CA THR C 46 5.27 6.79 19.60
C THR C 46 4.09 7.00 18.63
N VAL C 47 3.49 8.19 18.63
CA VAL C 47 2.25 8.41 17.85
C VAL C 47 2.51 8.82 16.39
N PHE C 48 3.68 9.40 16.12
CA PHE C 48 3.98 9.81 14.76
C PHE C 48 3.96 8.61 13.80
N PRO C 49 4.63 7.50 14.14
CA PRO C 49 4.51 6.34 13.24
C PRO C 49 3.06 5.81 13.06
N MET C 50 2.22 5.96 14.09
CA MET C 50 0.80 5.58 14.01
C MET C 50 0.03 6.48 13.05
N ALA C 51 0.37 7.78 13.03
CA ALA C 51 -0.25 8.73 12.11
C ALA C 51 0.14 8.38 10.68
N ILE C 52 1.38 8.00 10.46
CA ILE C 52 1.86 7.66 9.12
C ILE C 52 1.09 6.45 8.60
N LEU C 53 0.97 5.43 9.46
CA LEU C 53 0.19 4.23 9.14
C LEU C 53 -1.27 4.58 8.82
N GLY C 54 -1.91 5.35 9.70
CA GLY C 54 -3.32 5.74 9.50
C GLY C 54 -3.54 6.51 8.22
N PHE C 55 -2.70 7.52 7.98
CA PHE C 55 -2.77 8.31 6.75
C PHE C 55 -2.66 7.38 5.52
N ALA C 56 -1.73 6.42 5.56
CA ALA C 56 -1.45 5.59 4.39
C ALA C 56 -2.62 4.66 4.09
N LEU C 57 -3.19 4.08 5.15
CA LEU C 57 -4.33 3.18 4.98
C LEU C 57 -5.56 3.94 4.54
N SER C 58 -5.76 5.15 5.07
CA SER C 58 -6.88 5.99 4.62
C SER C 58 -6.70 6.41 3.15
N GLU C 59 -5.49 6.89 2.83
CA GLU C 59 -5.11 7.27 1.47
C GLU C 59 -5.31 6.15 0.43
N ALA C 60 -5.04 4.91 0.82
CA ALA C 60 -5.19 3.77 -0.09
C ALA C 60 -6.62 3.61 -0.63
N THR C 61 -7.63 3.97 0.19
CA THR C 61 -9.03 3.93 -0.24
C THR C 61 -9.27 4.91 -1.39
N GLY C 62 -8.63 6.07 -1.34
CA GLY C 62 -8.70 7.01 -2.43
C GLY C 62 -7.98 6.50 -3.68
N LEU C 63 -6.84 5.84 -3.46
CA LEU C 63 -6.09 5.22 -4.53
C LEU C 63 -6.95 4.22 -5.31
N PHE C 64 -7.72 3.39 -4.60
CA PHE C 64 -8.64 2.45 -5.25
C PHE C 64 -9.65 3.16 -6.16
N CYS C 65 -10.14 4.31 -5.71
CA CYS C 65 -11.09 5.10 -6.51
C CYS C 65 -10.41 5.61 -7.77
N LEU C 66 -9.23 6.20 -7.59
CA LEU C 66 -8.43 6.71 -8.67
C LEU C 66 -8.00 5.61 -9.67
N MET C 67 -7.73 4.40 -9.18
CA MET C 67 -7.46 3.23 -10.03
C MET C 67 -8.63 2.93 -11.00
N VAL C 68 -9.85 2.85 -10.47
CA VAL C 68 -11.03 2.63 -11.32
C VAL C 68 -11.16 3.78 -12.31
N SER C 69 -10.91 5.00 -11.83
CA SER C 69 -10.96 6.18 -12.66
C SER C 69 -10.04 6.02 -13.89
N PHE C 70 -8.80 5.61 -13.64
CA PHE C 70 -7.81 5.50 -14.69
C PHE C 70 -8.09 4.31 -15.61
N LEU C 71 -8.60 3.22 -15.05
CA LEU C 71 -9.03 2.07 -15.85
C LEU C 71 -10.11 2.47 -16.84
N LEU C 72 -11.06 3.28 -16.38
CA LEU C 72 -12.14 3.79 -17.25
C LEU C 72 -11.60 4.72 -18.33
N LEU C 73 -10.70 5.64 -17.94
CA LEU C 73 -10.14 6.62 -18.87
C LEU C 73 -9.20 6.01 -19.92
N PHE C 74 -8.52 4.94 -19.56
CA PHE C 74 -7.50 4.39 -20.44
C PHE C 74 -7.69 2.90 -20.72
N GLY C 75 -7.76 2.10 -19.66
CA GLY C 75 -7.84 0.65 -19.76
C GLY C 75 -9.09 0.15 -20.45
N GLN D 2 -24.28 -2.11 -26.70
CA GLN D 2 -23.61 -0.80 -26.42
C GLN D 2 -24.16 -0.19 -25.13
N LEU D 3 -25.48 -0.17 -25.01
CA LEU D 3 -26.15 0.39 -23.85
C LEU D 3 -25.83 -0.38 -22.56
N VAL D 4 -25.83 -1.71 -22.63
CA VAL D 4 -25.49 -2.54 -21.48
C VAL D 4 -24.04 -2.29 -21.05
N LEU D 5 -23.13 -2.26 -22.03
CA LEU D 5 -21.72 -2.04 -21.75
C LEU D 5 -21.51 -0.67 -21.09
N ALA D 6 -22.22 0.33 -21.61
CA ALA D 6 -22.19 1.69 -21.07
C ALA D 6 -22.68 1.72 -19.62
N ALA D 7 -23.74 0.97 -19.34
CA ALA D 7 -24.29 0.89 -18.00
C ALA D 7 -23.30 0.26 -17.02
N LYS D 8 -22.56 -0.75 -17.49
CA LYS D 8 -21.54 -1.38 -16.64
C LYS D 8 -20.45 -0.40 -16.21
N TYR D 9 -20.08 0.49 -17.12
CA TYR D 9 -19.00 1.43 -16.89
C TYR D 9 -19.43 2.56 -15.97
N ILE D 10 -20.64 3.08 -16.18
CA ILE D 10 -21.23 4.05 -15.26
C ILE D 10 -21.40 3.41 -13.89
N GLY D 11 -21.94 2.20 -13.87
CA GLY D 11 -22.09 1.43 -12.64
C GLY D 11 -20.79 1.21 -11.88
N ALA D 12 -19.73 0.85 -12.60
CA ALA D 12 -18.41 0.64 -12.00
C ALA D 12 -17.93 1.88 -11.26
N GLY D 13 -18.10 3.05 -11.88
CA GLY D 13 -17.74 4.32 -11.24
C GLY D 13 -18.59 4.66 -10.02
N ILE D 14 -19.89 4.40 -10.12
CA ILE D 14 -20.81 4.64 -8.99
C ILE D 14 -20.41 3.77 -7.79
N SER D 15 -19.97 2.54 -8.09
CA SER D 15 -19.60 1.53 -7.08
CA SER D 15 -19.67 1.58 -7.03
CA SER D 15 -19.63 1.56 -7.06
C SER D 15 -18.41 1.92 -6.21
N THR D 16 -17.69 2.96 -6.61
CA THR D 16 -16.54 3.38 -5.80
C THR D 16 -16.92 4.43 -4.75
N ILE D 17 -18.09 5.06 -4.89
CA ILE D 17 -18.48 6.12 -3.95
C ILE D 17 -18.36 5.64 -2.50
N GLY D 18 -18.86 4.43 -2.25
CA GLY D 18 -18.91 3.86 -0.90
C GLY D 18 -17.56 3.73 -0.20
N LEU D 19 -16.46 3.78 -0.97
CA LEU D 19 -15.09 3.74 -0.43
C LEU D 19 -14.78 4.97 0.43
N LEU D 20 -15.59 6.02 0.31
CA LEU D 20 -15.36 7.20 1.13
C LEU D 20 -15.57 6.85 2.60
N GLY D 21 -16.43 5.85 2.86
CA GLY D 21 -16.73 5.38 4.21
C GLY D 21 -15.56 4.71 4.92
N ALA D 22 -14.82 3.88 4.19
CA ALA D 22 -13.57 3.30 4.70
C ALA D 22 -12.52 4.39 4.84
N GLY D 23 -12.46 5.32 3.90
CA GLY D 23 -11.50 6.42 3.99
C GLY D 23 -11.61 7.19 5.31
N ILE D 24 -12.84 7.52 5.68
CA ILE D 24 -13.12 8.22 6.93
C ILE D 24 -13.00 7.29 8.13
N GLY D 25 -13.59 6.10 8.03
CA GLY D 25 -13.59 5.15 9.13
C GLY D 25 -12.19 4.71 9.57
N ILE D 26 -11.35 4.32 8.62
CA ILE D 26 -9.95 3.96 8.95
C ILE D 26 -9.28 5.06 9.76
N ALA D 27 -9.51 6.30 9.33
CA ALA D 27 -8.95 7.48 10.00
C ALA D 27 -9.49 7.64 11.42
N ILE D 28 -10.80 7.42 11.60
CA ILE D 28 -11.46 7.53 12.91
C ILE D 28 -10.85 6.53 13.90
N VAL D 29 -10.54 5.33 13.41
CA VAL D 29 -9.93 4.31 14.24
C VAL D 29 -8.55 4.76 14.71
N PHE D 30 -7.75 5.25 13.77
CA PHE D 30 -6.37 5.62 14.06
C PHE D 30 -6.28 6.89 14.91
N ALA D 31 -7.26 7.79 14.74
CA ALA D 31 -7.37 9.00 15.56
C ALA D 31 -7.59 8.60 17.02
N ALA D 32 -8.48 7.64 17.28
CA ALA D 32 -8.72 7.12 18.63
C ALA D 32 -7.48 6.43 19.23
N LEU D 33 -6.78 5.65 18.40
CA LEU D 33 -5.52 5.05 18.84
C LEU D 33 -4.52 6.09 19.31
N ILE D 34 -4.32 7.12 18.49
CA ILE D 34 -3.37 8.20 18.81
C ILE D 34 -3.80 8.93 20.10
N ASN D 35 -5.06 9.30 20.18
CA ASN D 35 -5.55 10.02 21.34
CA ASN D 35 -5.64 9.99 21.34
C ASN D 35 -5.52 9.15 22.61
N GLY D 36 -5.89 7.88 22.50
CA GLY D 36 -5.86 6.98 23.65
C GLY D 36 -4.45 6.72 24.16
N VAL D 37 -3.49 6.50 23.24
CA VAL D 37 -2.08 6.35 23.61
C VAL D 37 -1.48 7.64 24.19
N SER D 38 -1.84 8.80 23.65
CA SER D 38 -1.32 10.07 24.19
CA SER D 38 -1.31 10.07 24.18
CA SER D 38 -1.31 10.07 24.19
C SER D 38 -1.75 10.29 25.64
N ARG D 39 -2.99 9.94 25.95
CA ARG D 39 -3.53 10.13 27.30
C ARG D 39 -3.04 9.03 28.25
N ASN D 40 -2.81 7.83 27.72
CA ASN D 40 -2.40 6.68 28.54
C ASN D 40 -1.36 5.83 27.80
N PRO D 41 -0.09 6.29 27.73
CA PRO D 41 0.94 5.48 27.02
C PRO D 41 0.98 4.00 27.38
N SER D 42 0.76 3.65 28.64
CA SER D 42 0.87 2.26 29.09
C SER D 42 -0.18 1.33 28.44
N ILE D 43 -1.22 1.90 27.83
CA ILE D 43 -2.25 1.07 27.22
C ILE D 43 -1.97 0.66 25.76
N LYS D 44 -0.88 1.16 25.16
CA LYS D 44 -0.57 0.95 23.72
C LYS D 44 -0.63 -0.51 23.18
N ASP D 45 0.05 -1.45 23.85
CA ASP D 45 0.03 -2.85 23.41
C ASP D 45 -1.38 -3.48 23.48
N THR D 46 -2.26 -2.96 24.36
CA THR D 46 -3.64 -3.44 24.47
C THR D 46 -4.53 -2.91 23.33
N VAL D 47 -4.43 -1.61 23.02
CA VAL D 47 -5.34 -1.01 22.04
C VAL D 47 -4.88 -1.15 20.60
N PHE D 48 -3.58 -1.23 20.38
CA PHE D 48 -3.06 -1.36 19.02
C PHE D 48 -3.72 -2.53 18.25
N PRO D 49 -3.81 -3.72 18.86
CA PRO D 49 -4.51 -4.81 18.14
C PRO D 49 -5.99 -4.49 17.89
N MET D 50 -6.60 -3.68 18.76
CA MET D 50 -8.00 -3.25 18.56
C MET D 50 -8.16 -2.33 17.35
N ALA D 51 -7.16 -1.46 17.14
CA ALA D 51 -7.17 -0.54 16.01
C ALA D 51 -6.96 -1.29 14.70
N ILE D 52 -6.08 -2.29 14.73
CA ILE D 52 -5.84 -3.11 13.54
C ILE D 52 -7.11 -3.88 13.15
N LEU D 53 -7.78 -4.47 14.15
CA LEU D 53 -9.06 -5.13 13.94
C LEU D 53 -10.13 -4.18 13.39
N GLY D 54 -10.29 -3.02 14.07
CA GLY D 54 -11.22 -1.98 13.65
C GLY D 54 -10.96 -1.49 12.24
N PHE D 55 -9.70 -1.20 11.91
CA PHE D 55 -9.38 -0.68 10.59
C PHE D 55 -9.73 -1.73 9.51
N ALA D 56 -9.39 -2.99 9.78
CA ALA D 56 -9.58 -4.06 8.80
C ALA D 56 -11.05 -4.28 8.48
N LEU D 57 -11.90 -4.26 9.52
CA LEU D 57 -13.35 -4.38 9.34
C LEU D 57 -13.95 -3.17 8.61
N SER D 58 -13.49 -1.97 8.94
CA SER D 58 -13.92 -0.78 8.20
C SER D 58 -13.50 -0.85 6.72
N GLU D 59 -12.24 -1.21 6.47
CA GLU D 59 -11.74 -1.37 5.10
C GLU D 59 -12.53 -2.39 4.27
N ALA D 60 -12.84 -3.53 4.86
CA ALA D 60 -13.60 -4.56 4.17
C ALA D 60 -14.87 -4.02 3.51
N THR D 61 -15.56 -3.08 4.17
CA THR D 61 -16.77 -2.46 3.60
C THR D 61 -16.48 -1.81 2.26
N GLY D 62 -15.42 -1.01 2.21
CA GLY D 62 -14.91 -0.44 0.97
C GLY D 62 -14.44 -1.48 -0.05
N LEU D 63 -13.83 -2.56 0.41
CA LEU D 63 -13.39 -3.63 -0.50
C LEU D 63 -14.57 -4.33 -1.18
N PHE D 64 -15.69 -4.43 -0.48
CA PHE D 64 -16.90 -4.98 -1.08
C PHE D 64 -17.48 -4.07 -2.18
N CYS D 65 -17.32 -2.74 -2.01
CA CYS D 65 -17.66 -1.78 -3.07
C CYS D 65 -16.78 -1.97 -4.30
N LEU D 66 -15.48 -2.08 -4.07
CA LEU D 66 -14.49 -2.28 -5.13
C LEU D 66 -14.74 -3.59 -5.88
N MET D 67 -15.11 -4.63 -5.14
CA MET D 67 -15.48 -5.93 -5.72
C MET D 67 -16.63 -5.81 -6.72
N VAL D 68 -17.67 -5.06 -6.35
CA VAL D 68 -18.79 -4.82 -7.24
C VAL D 68 -18.33 -3.99 -8.45
N SER D 69 -17.48 -3.01 -8.19
CA SER D 69 -16.85 -2.24 -9.26
C SER D 69 -16.11 -3.12 -10.29
N PHE D 70 -15.33 -4.09 -9.82
CA PHE D 70 -14.57 -4.97 -10.71
C PHE D 70 -15.45 -6.01 -11.42
N LEU D 71 -16.49 -6.49 -10.72
CA LEU D 71 -17.49 -7.35 -11.34
C LEU D 71 -18.14 -6.68 -12.55
N LEU D 72 -18.45 -5.39 -12.40
CA LEU D 72 -19.05 -4.59 -13.45
C LEU D 72 -18.06 -4.28 -14.57
N LEU D 73 -16.82 -3.94 -14.21
CA LEU D 73 -15.75 -3.63 -15.18
C LEU D 73 -15.39 -4.81 -16.08
N PHE D 74 -15.35 -6.01 -15.52
CA PHE D 74 -14.80 -7.16 -16.23
C PHE D 74 -15.76 -8.33 -16.40
N GLN E 2 -31.94 -4.46 -23.66
CA GLN E 2 -30.76 -3.63 -23.28
C GLN E 2 -31.06 -2.72 -22.10
N LEU E 3 -32.28 -2.19 -22.07
CA LEU E 3 -32.71 -1.26 -21.03
C LEU E 3 -32.80 -1.92 -19.64
N VAL E 4 -33.36 -3.12 -19.60
CA VAL E 4 -33.55 -3.85 -18.34
C VAL E 4 -32.20 -4.29 -17.75
N LEU E 5 -31.37 -4.89 -18.60
CA LEU E 5 -30.02 -5.32 -18.19
C LEU E 5 -29.18 -4.12 -17.76
N ALA E 6 -29.20 -3.06 -18.54
CA ALA E 6 -28.52 -1.82 -18.17
C ALA E 6 -28.93 -1.36 -16.78
N ALA E 7 -30.24 -1.32 -16.54
CA ALA E 7 -30.78 -0.88 -15.25
C ALA E 7 -30.32 -1.75 -14.08
N LYS E 8 -30.22 -3.06 -14.31
CA LYS E 8 -29.68 -3.97 -13.31
C LYS E 8 -28.26 -3.58 -12.92
N TYR E 9 -27.44 -3.23 -13.90
CA TYR E 9 -26.02 -2.93 -13.63
C TYR E 9 -25.80 -1.58 -12.96
N ILE E 10 -26.50 -0.55 -13.43
CA ILE E 10 -26.51 0.76 -12.78
C ILE E 10 -27.06 0.65 -11.35
N GLY E 11 -28.20 -0.03 -11.22
CA GLY E 11 -28.82 -0.29 -9.92
C GLY E 11 -27.88 -0.99 -8.95
N ALA E 12 -27.14 -2.00 -9.43
CA ALA E 12 -26.19 -2.72 -8.56
C ALA E 12 -25.07 -1.79 -8.05
N GLY E 13 -24.59 -0.90 -8.92
CA GLY E 13 -23.55 0.07 -8.52
C GLY E 13 -24.06 1.05 -7.47
N ILE E 14 -25.30 1.52 -7.66
CA ILE E 14 -25.92 2.46 -6.72
C ILE E 14 -26.11 1.83 -5.33
N SER E 15 -26.43 0.52 -5.34
CA SER E 15 -26.71 -0.28 -4.15
CA SER E 15 -26.74 -0.19 -4.11
CA SER E 15 -26.73 -0.25 -4.14
C SER E 15 -25.53 -0.42 -3.19
N THR E 16 -24.32 -0.15 -3.68
CA THR E 16 -23.15 -0.23 -2.80
C THR E 16 -22.90 1.05 -2.00
N ILE E 17 -23.57 2.14 -2.37
CA ILE E 17 -23.31 3.44 -1.75
C ILE E 17 -23.51 3.34 -0.24
N GLY E 18 -24.59 2.68 0.17
CA GLY E 18 -24.97 2.61 1.59
C GLY E 18 -23.93 1.94 2.48
N LEU E 19 -23.07 1.14 1.86
CA LEU E 19 -21.93 0.52 2.55
C LEU E 19 -21.03 1.53 3.25
N LEU E 20 -21.05 2.77 2.78
CA LEU E 20 -20.25 3.82 3.44
C LEU E 20 -20.71 4.00 4.90
N GLY E 21 -21.99 3.73 5.17
CA GLY E 21 -22.51 3.85 6.55
C GLY E 21 -21.87 2.85 7.50
N ALA E 22 -21.67 1.62 7.03
CA ALA E 22 -20.98 0.58 7.82
C ALA E 22 -19.50 0.88 7.95
N GLY E 23 -18.89 1.43 6.90
CA GLY E 23 -17.46 1.80 6.97
C GLY E 23 -17.18 2.81 8.07
N ILE E 24 -18.06 3.80 8.16
CA ILE E 24 -17.94 4.83 9.19
C ILE E 24 -18.39 4.28 10.56
N GLY E 25 -19.52 3.60 10.59
CA GLY E 25 -20.08 3.11 11.86
C GLY E 25 -19.17 2.12 12.58
N ILE E 26 -18.63 1.16 11.84
CA ILE E 26 -17.69 0.18 12.40
C ILE E 26 -16.56 0.95 13.07
N ALA E 27 -16.02 1.93 12.36
CA ALA E 27 -14.94 2.74 12.90
C ALA E 27 -15.33 3.50 14.19
N ILE E 28 -16.53 4.07 14.19
CA ILE E 28 -17.05 4.78 15.37
C ILE E 28 -17.08 3.87 16.62
N VAL E 29 -17.52 2.62 16.44
CA VAL E 29 -17.59 1.67 17.55
C VAL E 29 -16.17 1.35 18.09
N PHE E 30 -15.25 1.00 17.18
CA PHE E 30 -13.90 0.67 17.60
C PHE E 30 -13.15 1.86 18.20
N ALA E 31 -13.45 3.07 17.72
CA ALA E 31 -12.87 4.30 18.30
C ALA E 31 -13.27 4.43 19.78
N ALA E 32 -14.55 4.18 20.05
CA ALA E 32 -15.09 4.25 21.40
C ALA E 32 -14.49 3.14 22.29
N LEU E 33 -14.35 1.94 21.72
CA LEU E 33 -13.66 0.85 22.42
C LEU E 33 -12.24 1.28 22.84
N ILE E 34 -11.51 1.85 21.88
CA ILE E 34 -10.15 2.26 22.12
C ILE E 34 -10.09 3.40 23.17
N ASN E 35 -10.93 4.42 22.98
CA ASN E 35 -10.95 5.52 23.94
CA ASN E 35 -11.05 5.55 23.93
C ASN E 35 -11.40 5.06 25.32
N GLY E 36 -12.38 4.16 25.37
CA GLY E 36 -12.91 3.64 26.61
C GLY E 36 -11.88 2.80 27.39
N VAL E 37 -11.18 1.91 26.68
CA VAL E 37 -10.11 1.12 27.32
C VAL E 37 -8.93 2.03 27.78
N SER E 38 -8.53 3.02 26.97
CA SER E 38 -7.44 3.92 27.38
CA SER E 38 -7.44 3.91 27.39
CA SER E 38 -7.44 3.91 27.39
C SER E 38 -7.76 4.66 28.69
N ARG E 39 -9.01 5.12 28.82
CA ARG E 39 -9.41 5.86 30.03
C ARG E 39 -9.62 4.96 31.24
N ASN E 40 -9.96 3.68 31.00
CA ASN E 40 -10.27 2.75 32.09
C ASN E 40 -9.90 1.33 31.66
N PRO E 41 -8.60 0.99 31.74
CA PRO E 41 -8.16 -0.34 31.30
C PRO E 41 -8.94 -1.51 31.92
N SER E 42 -9.36 -1.39 33.18
CA SER E 42 -10.05 -2.49 33.85
C SER E 42 -11.41 -2.82 33.21
N ILE E 43 -11.95 -1.90 32.41
CA ILE E 43 -13.26 -2.12 31.79
C ILE E 43 -13.22 -2.96 30.49
N LYS E 44 -12.03 -3.29 30.00
CA LYS E 44 -11.87 -3.95 28.71
C LYS E 44 -12.74 -5.21 28.45
N ASP E 45 -12.75 -6.14 29.42
CA ASP E 45 -13.52 -7.37 29.27
C ASP E 45 -15.04 -7.13 29.20
N THR E 46 -15.51 -6.00 29.74
CA THR E 46 -16.93 -5.66 29.72
C THR E 46 -17.30 -4.97 28.39
N VAL E 47 -16.44 -4.07 27.91
CA VAL E 47 -16.81 -3.29 26.72
C VAL E 47 -16.48 -3.99 25.40
N PHE E 48 -15.52 -4.91 25.41
CA PHE E 48 -15.11 -5.57 24.18
C PHE E 48 -16.28 -6.35 23.53
N PRO E 49 -17.00 -7.20 24.32
CA PRO E 49 -18.15 -7.83 23.66
C PRO E 49 -19.20 -6.81 23.17
N MET E 50 -19.32 -5.66 23.83
CA MET E 50 -20.29 -4.64 23.39
C MET E 50 -19.88 -4.07 22.03
N ALA E 51 -18.56 -3.96 21.81
CA ALA E 51 -18.05 -3.41 20.58
C ALA E 51 -18.21 -4.43 19.44
N ILE E 52 -18.06 -5.71 19.77
CA ILE E 52 -18.31 -6.79 18.81
C ILE E 52 -19.78 -6.74 18.37
N LEU E 53 -20.70 -6.67 19.33
CA LEU E 53 -22.13 -6.53 19.02
C LEU E 53 -22.39 -5.28 18.13
N GLY E 54 -21.89 -4.12 18.54
CA GLY E 54 -22.07 -2.89 17.77
C GLY E 54 -21.55 -2.97 16.34
N PHE E 55 -20.33 -3.49 16.18
CA PHE E 55 -19.78 -3.77 14.84
C PHE E 55 -20.73 -4.64 14.02
N ALA E 56 -21.16 -5.78 14.58
CA ALA E 56 -21.99 -6.74 13.87
C ALA E 56 -23.30 -6.11 13.37
N LEU E 57 -23.95 -5.34 14.24
CA LEU E 57 -25.21 -4.67 13.91
C LEU E 57 -25.03 -3.55 12.88
N SER E 58 -23.95 -2.77 12.99
CA SER E 58 -23.63 -1.77 11.96
C SER E 58 -23.30 -2.43 10.60
N GLU E 59 -22.41 -3.42 10.65
CA GLU E 59 -22.06 -4.28 9.51
C GLU E 59 -23.27 -4.89 8.78
N ALA E 60 -24.25 -5.39 9.54
CA ALA E 60 -25.46 -5.96 8.91
C ALA E 60 -26.15 -4.97 7.94
N THR E 61 -26.11 -3.66 8.24
CA THR E 61 -26.71 -2.66 7.33
C THR E 61 -26.01 -2.69 5.96
N GLY E 62 -24.69 -2.89 5.98
CA GLY E 62 -23.90 -3.03 4.76
C GLY E 62 -24.19 -4.31 4.02
N LEU E 63 -24.41 -5.41 4.77
CA LEU E 63 -24.80 -6.71 4.18
C LEU E 63 -26.12 -6.59 3.41
N PHE E 64 -27.07 -5.84 3.96
CA PHE E 64 -28.34 -5.60 3.28
C PHE E 64 -28.14 -4.89 1.95
N CYS E 65 -27.30 -3.85 1.91
CA CYS E 65 -26.96 -3.17 0.64
C CYS E 65 -26.38 -4.11 -0.39
N LEU E 66 -25.42 -4.92 0.06
CA LEU E 66 -24.71 -5.85 -0.78
C LEU E 66 -25.65 -6.93 -1.33
N MET E 67 -26.58 -7.37 -0.48
CA MET E 67 -27.63 -8.32 -0.82
C MET E 67 -28.48 -7.86 -1.99
N VAL E 68 -28.91 -6.59 -1.96
CA VAL E 68 -29.68 -6.01 -3.04
C VAL E 68 -28.80 -5.92 -4.29
N SER E 69 -27.53 -5.56 -4.07
CA SER E 69 -26.55 -5.44 -5.15
C SER E 69 -26.36 -6.76 -5.88
N PHE E 70 -26.26 -7.86 -5.13
CA PHE E 70 -26.10 -9.18 -5.73
C PHE E 70 -27.38 -9.69 -6.35
N LEU E 71 -28.53 -9.34 -5.76
CA LEU E 71 -29.83 -9.67 -6.32
C LEU E 71 -29.97 -9.05 -7.71
N LEU E 72 -29.52 -7.81 -7.86
CA LEU E 72 -29.53 -7.11 -9.14
C LEU E 72 -28.50 -7.68 -10.12
N LEU E 73 -27.34 -8.10 -9.62
CA LEU E 73 -26.30 -8.61 -10.50
C LEU E 73 -26.58 -10.03 -11.03
N PHE E 74 -27.32 -10.83 -10.28
CA PHE E 74 -27.47 -12.26 -10.61
C PHE E 74 -28.92 -12.74 -10.59
N GLN F 2 -0.01 -31.29 -31.49
CA GLN F 2 1.46 -31.50 -31.32
C GLN F 2 2.04 -30.37 -30.49
N LEU F 3 1.70 -29.14 -30.86
CA LEU F 3 2.22 -27.93 -30.22
C LEU F 3 1.75 -27.75 -28.78
N VAL F 4 0.46 -27.99 -28.55
CA VAL F 4 -0.13 -27.92 -27.21
C VAL F 4 0.51 -28.96 -26.29
N LEU F 5 0.68 -30.19 -26.78
CA LEU F 5 1.32 -31.27 -26.02
C LEU F 5 2.79 -30.94 -25.71
N ALA F 6 3.50 -30.44 -26.72
CA ALA F 6 4.90 -29.99 -26.55
C ALA F 6 5.02 -28.93 -25.44
N ALA F 7 4.10 -27.99 -25.44
CA ALA F 7 4.10 -26.87 -24.49
C ALA F 7 3.85 -27.33 -23.05
N LYS F 8 2.98 -28.33 -22.90
CA LYS F 8 2.72 -28.96 -21.61
C LYS F 8 3.99 -29.54 -21.03
N TYR F 9 4.77 -30.22 -21.87
CA TYR F 9 5.98 -30.90 -21.41
C TYR F 9 7.08 -29.90 -21.03
N ILE F 10 7.22 -28.83 -21.79
CA ILE F 10 8.19 -27.80 -21.43
CA ILE F 10 8.17 -27.75 -21.46
C ILE F 10 7.71 -27.08 -20.17
N GLY F 11 6.41 -26.76 -20.11
CA GLY F 11 5.82 -26.12 -18.93
C GLY F 11 6.03 -26.92 -17.66
N ALA F 12 5.89 -28.25 -17.76
CA ALA F 12 6.09 -29.14 -16.62
C ALA F 12 7.54 -29.13 -16.11
N GLY F 13 8.50 -29.12 -17.04
CA GLY F 13 9.91 -28.98 -16.66
C GLY F 13 10.23 -27.67 -15.96
N ILE F 14 9.70 -26.58 -16.52
CA ILE F 14 9.89 -25.22 -15.96
C ILE F 14 9.28 -25.11 -14.55
N SER F 15 8.16 -25.81 -14.36
CA SER F 15 7.42 -25.76 -13.11
CA SER F 15 7.43 -25.73 -13.10
CA SER F 15 7.40 -25.80 -13.11
C SER F 15 8.15 -26.38 -11.91
N THR F 16 9.22 -27.14 -12.18
CA THR F 16 10.04 -27.69 -11.08
C THR F 16 11.14 -26.73 -10.56
N ILE F 17 11.46 -25.69 -11.32
CA ILE F 17 12.53 -24.75 -10.92
C ILE F 17 12.28 -24.21 -9.51
N GLY F 18 11.05 -23.79 -9.24
CA GLY F 18 10.71 -23.20 -7.94
C GLY F 18 10.94 -24.10 -6.75
N LEU F 19 11.07 -25.40 -6.99
CA LEU F 19 11.38 -26.36 -5.92
C LEU F 19 12.70 -26.04 -5.25
N LEU F 20 13.59 -25.34 -5.94
CA LEU F 20 14.87 -24.97 -5.34
C LEU F 20 14.67 -24.15 -4.05
N GLY F 21 13.59 -23.39 -3.99
CA GLY F 21 13.28 -22.58 -2.81
C GLY F 21 12.97 -23.41 -1.57
N ALA F 22 12.16 -24.45 -1.74
CA ALA F 22 11.94 -25.42 -0.66
C ALA F 22 13.24 -26.15 -0.29
N GLY F 23 14.06 -26.51 -1.27
CA GLY F 23 15.32 -27.22 -0.97
C GLY F 23 16.26 -26.40 -0.07
N ILE F 24 16.38 -25.11 -0.39
CA ILE F 24 17.18 -24.18 0.42
C ILE F 24 16.48 -23.85 1.73
N GLY F 25 15.20 -23.52 1.64
CA GLY F 25 14.41 -23.10 2.80
C GLY F 25 14.35 -24.16 3.89
N ILE F 26 14.07 -25.39 3.51
CA ILE F 26 14.01 -26.49 4.50
C ILE F 26 15.31 -26.53 5.27
N ALA F 27 16.41 -26.41 4.54
CA ALA F 27 17.74 -26.47 5.11
C ALA F 27 18.01 -25.29 6.06
N ILE F 28 17.51 -24.10 5.70
CA ILE F 28 17.69 -22.89 6.55
C ILE F 28 16.99 -23.12 7.89
N VAL F 29 15.82 -23.75 7.82
CA VAL F 29 15.08 -24.05 9.04
C VAL F 29 15.89 -25.02 9.92
N PHE F 30 16.37 -26.11 9.32
CA PHE F 30 17.11 -27.11 10.09
C PHE F 30 18.47 -26.64 10.60
N ALA F 31 19.16 -25.80 9.81
CA ALA F 31 20.38 -25.13 10.29
C ALA F 31 20.15 -24.32 11.58
N ALA F 32 19.09 -23.51 11.59
CA ALA F 32 18.74 -22.73 12.79
C ALA F 32 18.41 -23.65 13.98
N LEU F 33 17.67 -24.74 13.71
CA LEU F 33 17.39 -25.73 14.76
C LEU F 33 18.69 -26.24 15.37
N ILE F 34 19.63 -26.65 14.52
CA ILE F 34 20.90 -27.21 14.98
C ILE F 34 21.71 -26.16 15.77
N ASN F 35 21.86 -24.97 15.17
CA ASN F 35 22.55 -23.84 15.81
CA ASN F 35 22.60 -23.92 15.84
C ASN F 35 21.92 -23.48 17.15
N GLY F 36 20.59 -23.43 17.16
CA GLY F 36 19.88 -23.04 18.37
C GLY F 36 20.02 -24.03 19.52
N VAL F 37 19.99 -25.33 19.17
CA VAL F 37 20.10 -26.40 20.17
C VAL F 37 21.55 -26.53 20.67
N SER F 38 22.53 -26.34 19.78
CA SER F 38 23.93 -26.35 20.18
CA SER F 38 23.94 -26.36 20.18
CA SER F 38 23.93 -26.36 20.18
C SER F 38 24.22 -25.25 21.21
N ARG F 39 23.63 -24.08 20.97
CA ARG F 39 23.86 -22.91 21.85
C ARG F 39 23.07 -23.00 23.15
N ASN F 40 21.90 -23.63 23.12
CA ASN F 40 21.03 -23.72 24.29
C ASN F 40 20.26 -25.06 24.27
N PRO F 41 20.94 -26.15 24.68
CA PRO F 41 20.34 -27.49 24.60
C PRO F 41 19.01 -27.60 25.33
N SER F 42 18.81 -26.79 26.37
CA SER F 42 17.58 -26.88 27.15
C SER F 42 16.34 -26.38 26.36
N ILE F 43 16.56 -25.72 25.22
CA ILE F 43 15.43 -25.14 24.48
C ILE F 43 14.87 -26.12 23.43
N LYS F 44 15.51 -27.27 23.27
CA LYS F 44 15.21 -28.20 22.19
C LYS F 44 13.73 -28.60 22.04
N ASP F 45 13.01 -28.83 23.13
CA ASP F 45 11.57 -29.22 23.08
C ASP F 45 10.67 -28.10 22.57
N THR F 46 11.10 -26.86 22.80
CA THR F 46 10.38 -25.69 22.35
C THR F 46 10.65 -25.42 20.87
N VAL F 47 11.92 -25.46 20.45
CA VAL F 47 12.23 -25.08 19.06
C VAL F 47 12.01 -26.20 18.03
N PHE F 48 12.06 -27.47 18.44
CA PHE F 48 11.78 -28.55 17.51
C PHE F 48 10.43 -28.43 16.78
N PRO F 49 9.30 -28.21 17.53
CA PRO F 49 8.00 -28.04 16.84
C PRO F 49 7.96 -26.83 15.89
N MET F 50 8.70 -25.76 16.21
CA MET F 50 8.81 -24.57 15.34
C MET F 50 9.52 -24.93 14.03
N ALA F 51 10.58 -25.71 14.15
CA ALA F 51 11.28 -26.20 12.99
C ALA F 51 10.41 -27.09 12.09
N ILE F 52 9.59 -27.95 12.70
CA ILE F 52 8.69 -28.81 11.92
C ILE F 52 7.67 -27.95 11.19
N LEU F 53 7.09 -26.97 11.89
CA LEU F 53 6.16 -26.02 11.28
C LEU F 53 6.83 -25.21 10.16
N GLY F 54 8.02 -24.65 10.44
CA GLY F 54 8.81 -23.94 9.42
C GLY F 54 9.06 -24.77 8.18
N PHE F 55 9.58 -25.99 8.37
CA PHE F 55 9.76 -26.97 7.29
C PHE F 55 8.49 -27.20 6.46
N ALA F 56 7.38 -27.49 7.13
CA ALA F 56 6.13 -27.83 6.44
C ALA F 56 5.67 -26.68 5.54
N LEU F 57 5.72 -25.46 6.07
CA LEU F 57 5.28 -24.29 5.33
C LEU F 57 6.18 -23.93 4.14
N SER F 58 7.48 -24.10 4.31
CA SER F 58 8.44 -23.87 3.21
C SER F 58 8.23 -24.96 2.13
N GLU F 59 8.13 -26.20 2.58
CA GLU F 59 7.83 -27.37 1.74
C GLU F 59 6.59 -27.19 0.85
N ALA F 60 5.54 -26.59 1.41
CA ALA F 60 4.30 -26.34 0.71
C ALA F 60 4.46 -25.52 -0.56
N THR F 61 5.36 -24.53 -0.54
CA THR F 61 5.64 -23.72 -1.73
C THR F 61 6.11 -24.61 -2.86
N GLY F 62 7.05 -25.51 -2.55
CA GLY F 62 7.52 -26.53 -3.50
C GLY F 62 6.43 -27.51 -3.91
N LEU F 63 5.54 -27.85 -2.98
CA LEU F 63 4.33 -28.65 -3.28
C LEU F 63 3.48 -28.01 -4.37
N PHE F 64 3.27 -26.69 -4.28
CA PHE F 64 2.45 -25.98 -5.27
C PHE F 64 3.09 -26.06 -6.66
N CYS F 65 4.41 -25.92 -6.72
CA CYS F 65 5.17 -26.05 -7.97
C CYS F 65 4.96 -27.40 -8.62
N LEU F 66 5.11 -28.46 -7.81
CA LEU F 66 5.00 -29.82 -8.29
C LEU F 66 3.57 -30.09 -8.78
N MET F 67 2.60 -29.53 -8.07
CA MET F 67 1.19 -29.64 -8.43
C MET F 67 0.94 -29.15 -9.85
N VAL F 68 1.43 -27.94 -10.16
CA VAL F 68 1.32 -27.38 -11.51
C VAL F 68 2.00 -28.28 -12.54
N SER F 69 3.19 -28.74 -12.19
CA SER F 69 3.92 -29.72 -13.00
C SER F 69 3.08 -30.96 -13.37
N PHE F 70 2.43 -31.55 -12.36
CA PHE F 70 1.65 -32.77 -12.55
C PHE F 70 0.37 -32.50 -13.34
N LEU F 71 -0.25 -31.35 -13.07
CA LEU F 71 -1.40 -30.88 -13.85
C LEU F 71 -1.04 -30.72 -15.33
N LEU F 72 0.17 -30.26 -15.62
CA LEU F 72 0.62 -30.14 -17.01
C LEU F 72 0.97 -31.50 -17.61
N LEU F 73 1.58 -32.36 -16.81
CA LEU F 73 1.91 -33.72 -17.24
C LEU F 73 0.67 -34.61 -17.47
N PHE F 74 -0.35 -34.46 -16.63
CA PHE F 74 -1.46 -35.43 -16.58
C PHE F 74 -2.85 -34.82 -16.65
N GLY F 75 -2.98 -33.55 -16.28
CA GLY F 75 -4.28 -32.87 -16.28
C GLY F 75 -4.60 -32.25 -17.63
N GLN G 2 -4.20 -22.74 -31.14
CA GLN G 2 -3.16 -23.71 -30.66
C GLN G 2 -2.01 -23.00 -30.00
N LEU G 3 -1.45 -22.00 -30.70
CA LEU G 3 -0.32 -21.23 -30.21
C LEU G 3 -0.66 -20.52 -28.90
N VAL G 4 -1.90 -20.06 -28.77
CA VAL G 4 -2.37 -19.38 -27.56
C VAL G 4 -2.46 -20.36 -26.38
N LEU G 5 -3.01 -21.55 -26.65
CA LEU G 5 -3.15 -22.57 -25.62
C LEU G 5 -1.78 -23.07 -25.18
N ALA G 6 -0.88 -23.23 -26.16
CA ALA G 6 0.51 -23.57 -25.89
C ALA G 6 1.17 -22.53 -24.98
N ALA G 7 0.94 -21.25 -25.28
CA ALA G 7 1.51 -20.15 -24.51
C ALA G 7 0.99 -20.14 -23.08
N LYS G 8 -0.28 -20.50 -22.91
CA LYS G 8 -0.92 -20.54 -21.60
C LYS G 8 -0.23 -21.56 -20.71
N TYR G 9 0.13 -22.71 -21.29
CA TYR G 9 0.79 -23.77 -20.54
C TYR G 9 2.24 -23.47 -20.20
N ILE G 10 2.96 -22.87 -21.14
CA ILE G 10 4.34 -22.43 -20.88
C ILE G 10 4.30 -21.35 -19.81
N GLY G 11 3.41 -20.37 -19.99
CA GLY G 11 3.30 -19.26 -19.05
C GLY G 11 2.94 -19.72 -17.65
N ALA G 12 2.15 -20.79 -17.57
CA ALA G 12 1.78 -21.41 -16.30
C ALA G 12 3.00 -21.96 -15.58
N GLY G 13 3.86 -22.65 -16.31
CA GLY G 13 5.08 -23.21 -15.74
C GLY G 13 5.98 -22.10 -15.22
N ILE G 14 6.16 -21.05 -16.03
CA ILE G 14 7.01 -19.91 -15.67
C ILE G 14 6.50 -19.21 -14.41
N SER G 15 5.18 -19.11 -14.29
CA SER G 15 4.52 -18.41 -13.18
CA SER G 15 4.56 -18.39 -13.18
CA SER G 15 4.49 -18.43 -13.18
C SER G 15 4.74 -19.07 -11.82
N THR G 16 5.29 -20.28 -11.80
CA THR G 16 5.58 -20.95 -10.51
C THR G 16 7.00 -20.63 -9.98
N ILE G 17 7.89 -20.13 -10.87
CA ILE G 17 9.29 -19.86 -10.48
C ILE G 17 9.36 -18.96 -9.24
N GLY G 18 8.55 -17.90 -9.23
CA GLY G 18 8.54 -16.92 -8.13
C GLY G 18 8.20 -17.48 -6.76
N LEU G 19 7.62 -18.68 -6.71
CA LEU G 19 7.32 -19.36 -5.45
C LEU G 19 8.56 -19.68 -4.64
N LEU G 20 9.73 -19.71 -5.31
CA LEU G 20 11.00 -20.00 -4.63
C LEU G 20 11.31 -18.92 -3.58
N GLY G 21 10.81 -17.70 -3.83
CA GLY G 21 10.99 -16.59 -2.90
C GLY G 21 10.26 -16.86 -1.59
N ALA G 22 9.03 -17.36 -1.68
CA ALA G 22 8.28 -17.72 -0.49
C ALA G 22 8.91 -18.91 0.22
N GLY G 23 9.38 -19.89 -0.54
CA GLY G 23 10.05 -21.07 0.03
C GLY G 23 11.26 -20.69 0.88
N ILE G 24 12.04 -19.73 0.40
CA ILE G 24 13.21 -19.24 1.13
C ILE G 24 12.77 -18.27 2.24
N GLY G 25 11.83 -17.40 1.93
CA GLY G 25 11.37 -16.39 2.88
C GLY G 25 10.78 -16.96 4.15
N ILE G 26 9.80 -17.85 3.99
CA ILE G 26 9.17 -18.52 5.13
C ILE G 26 10.24 -19.14 6.04
N ALA G 27 11.24 -19.74 5.43
CA ALA G 27 12.33 -20.37 6.15
C ALA G 27 13.17 -19.35 6.94
N ILE G 28 13.44 -18.21 6.32
CA ILE G 28 14.21 -17.14 6.96
C ILE G 28 13.50 -16.64 8.23
N VAL G 29 12.17 -16.57 8.17
CA VAL G 29 11.38 -16.11 9.30
C VAL G 29 11.48 -17.11 10.44
N PHE G 30 11.29 -18.40 10.10
CA PHE G 30 11.26 -19.45 11.14
C PHE G 30 12.66 -19.68 11.72
N ALA G 31 13.70 -19.51 10.90
CA ALA G 31 15.10 -19.53 11.38
C ALA G 31 15.35 -18.43 12.43
N ALA G 32 14.91 -17.21 12.13
CA ALA G 32 14.97 -16.10 13.09
C ALA G 32 14.20 -16.39 14.38
N LEU G 33 12.97 -16.91 14.25
CA LEU G 33 12.18 -17.34 15.42
C LEU G 33 12.98 -18.32 16.28
N ILE G 34 13.53 -19.33 15.63
CA ILE G 34 14.24 -20.38 16.34
C ILE G 34 15.49 -19.80 17.05
N ASN G 35 16.29 -19.04 16.32
CA ASN G 35 17.47 -18.47 16.95
CA ASN G 35 17.49 -18.37 16.88
C ASN G 35 17.12 -17.44 18.02
N GLY G 36 16.05 -16.69 17.81
CA GLY G 36 15.62 -15.71 18.80
C GLY G 36 15.20 -16.34 20.10
N VAL G 37 14.40 -17.41 20.01
CA VAL G 37 13.91 -18.11 21.20
C VAL G 37 15.06 -18.88 21.88
N SER G 38 15.97 -19.47 21.12
CA SER G 38 17.13 -20.14 21.72
CA SER G 38 17.13 -20.14 21.73
CA SER G 38 17.15 -20.14 21.71
C SER G 38 17.98 -19.17 22.57
N ARG G 39 18.19 -17.96 22.06
CA ARG G 39 19.00 -16.93 22.78
C ARG G 39 18.23 -16.32 23.95
N ASN G 40 16.90 -16.30 23.85
CA ASN G 40 16.07 -15.64 24.87
C ASN G 40 14.71 -16.34 25.01
N PRO G 41 14.69 -17.49 25.70
CA PRO G 41 13.46 -18.28 25.80
C PRO G 41 12.24 -17.47 26.25
N SER G 42 12.42 -16.48 27.13
CA SER G 42 11.31 -15.73 27.69
C SER G 42 10.60 -14.85 26.65
N ILE G 43 11.25 -14.60 25.52
CA ILE G 43 10.64 -13.79 24.47
C ILE G 43 9.65 -14.56 23.55
N LYS G 44 9.53 -15.88 23.70
CA LYS G 44 8.75 -16.71 22.78
C LYS G 44 7.34 -16.18 22.45
N ASP G 45 6.57 -15.86 23.48
CA ASP G 45 5.17 -15.40 23.29
C ASP G 45 5.12 -14.06 22.58
N THR G 46 6.19 -13.29 22.65
CA THR G 46 6.25 -12.00 21.95
C THR G 46 6.55 -12.19 20.46
N VAL G 47 7.54 -13.02 20.13
CA VAL G 47 8.01 -13.10 18.75
C VAL G 47 7.25 -14.14 17.91
N PHE G 48 6.60 -15.11 18.55
CA PHE G 48 5.90 -16.13 17.78
C PHE G 48 4.80 -15.53 16.87
N PRO G 49 4.01 -14.55 17.38
CA PRO G 49 3.03 -13.93 16.47
C PRO G 49 3.67 -13.08 15.37
N MET G 50 4.87 -12.56 15.61
CA MET G 50 5.60 -11.81 14.58
C MET G 50 6.02 -12.76 13.45
N ALA G 51 6.44 -13.97 13.83
CA ALA G 51 6.83 -14.99 12.87
C ALA G 51 5.61 -15.47 12.05
N ILE G 52 4.46 -15.60 12.70
CA ILE G 52 3.23 -16.02 12.00
C ILE G 52 2.87 -14.96 10.96
N LEU G 53 2.93 -13.69 11.39
CA LEU G 53 2.64 -12.57 10.51
C LEU G 53 3.62 -12.53 9.34
N GLY G 54 4.91 -12.67 9.64
CA GLY G 54 5.99 -12.64 8.63
C GLY G 54 5.84 -13.72 7.58
N PHE G 55 5.60 -14.95 8.04
CA PHE G 55 5.37 -16.11 7.18
C PHE G 55 4.18 -15.84 6.23
N ALA G 56 3.08 -15.33 6.79
CA ALA G 56 1.86 -15.11 6.02
C ALA G 56 2.06 -14.09 4.89
N LEU G 57 2.76 -13.01 5.21
CA LEU G 57 3.08 -11.97 4.22
C LEU G 57 4.02 -12.48 3.12
N SER G 58 5.08 -13.19 3.50
CA SER G 58 6.02 -13.75 2.54
C SER G 58 5.32 -14.76 1.63
N GLU G 59 4.51 -15.62 2.25
CA GLU G 59 3.74 -16.64 1.56
C GLU G 59 2.76 -16.05 0.53
N ALA G 60 2.19 -14.89 0.85
CA ALA G 60 1.23 -14.23 -0.03
C ALA G 60 1.83 -13.85 -1.41
N THR G 61 3.12 -13.54 -1.44
CA THR G 61 3.80 -13.27 -2.70
C THR G 61 3.80 -14.54 -3.57
N GLY G 62 3.99 -15.69 -2.93
CA GLY G 62 3.89 -16.99 -3.60
C GLY G 62 2.48 -17.29 -4.08
N LEU G 63 1.48 -16.92 -3.26
CA LEU G 63 0.06 -17.04 -3.62
C LEU G 63 -0.20 -16.32 -4.93
N PHE G 64 0.36 -15.12 -5.07
CA PHE G 64 0.09 -14.32 -6.25
C PHE G 64 0.64 -14.95 -7.53
N CYS G 65 1.80 -15.60 -7.42
CA CYS G 65 2.37 -16.35 -8.53
C CYS G 65 1.48 -17.55 -8.90
N LEU G 66 1.02 -18.29 -7.88
CA LEU G 66 0.20 -19.46 -8.10
C LEU G 66 -1.14 -19.08 -8.74
N MET G 67 -1.68 -17.94 -8.31
CA MET G 67 -2.90 -17.39 -8.88
C MET G 67 -2.75 -17.14 -10.38
N VAL G 68 -1.66 -16.46 -10.77
CA VAL G 68 -1.43 -16.16 -12.18
C VAL G 68 -1.29 -17.48 -12.94
N SER G 69 -0.57 -18.43 -12.33
CA SER G 69 -0.44 -19.77 -12.87
C SER G 69 -1.80 -20.45 -13.14
N PHE G 70 -2.71 -20.34 -12.18
CA PHE G 70 -4.01 -21.00 -12.32
C PHE G 70 -4.95 -20.22 -13.25
N LEU G 71 -4.69 -18.93 -13.41
CA LEU G 71 -5.37 -18.10 -14.40
C LEU G 71 -5.00 -18.54 -15.82
N LEU G 72 -3.71 -18.75 -16.05
CA LEU G 72 -3.23 -19.25 -17.33
C LEU G 72 -3.64 -20.71 -17.60
N LEU G 73 -3.76 -21.50 -16.53
CA LEU G 73 -4.23 -22.88 -16.66
C LEU G 73 -5.74 -23.02 -16.93
N PHE G 74 -6.56 -22.26 -16.20
CA PHE G 74 -8.00 -22.53 -16.12
C PHE G 74 -8.92 -21.35 -16.45
N GLY G 75 -8.41 -20.13 -16.33
CA GLY G 75 -9.23 -18.93 -16.57
C GLY G 75 -9.16 -18.47 -18.01
N GLN H 2 -3.17 -14.34 -32.87
CA GLN H 2 -2.74 -15.54 -32.08
C GLN H 2 -1.35 -15.30 -31.51
N LEU H 3 -0.46 -14.71 -32.31
CA LEU H 3 0.91 -14.47 -31.86
C LEU H 3 0.97 -13.41 -30.76
N VAL H 4 0.16 -12.35 -30.92
CA VAL H 4 0.09 -11.29 -29.91
C VAL H 4 -0.50 -11.81 -28.59
N LEU H 5 -1.57 -12.60 -28.67
CA LEU H 5 -2.19 -13.20 -27.49
C LEU H 5 -1.24 -14.15 -26.77
N ALA H 6 -0.56 -15.00 -27.55
CA ALA H 6 0.45 -15.91 -27.03
C ALA H 6 1.56 -15.17 -26.28
N ALA H 7 1.97 -14.03 -26.84
CA ALA H 7 3.02 -13.23 -26.23
C ALA H 7 2.59 -12.60 -24.90
N LYS H 8 1.34 -12.17 -24.81
CA LYS H 8 0.87 -11.55 -23.57
C LYS H 8 0.73 -12.57 -22.44
N TYR H 9 0.48 -13.83 -22.78
CA TYR H 9 0.39 -14.89 -21.78
C TYR H 9 1.76 -15.34 -21.29
N ILE H 10 2.72 -15.44 -22.20
CA ILE H 10 4.08 -15.72 -21.83
C ILE H 10 4.63 -14.55 -21.00
N GLY H 11 4.45 -13.33 -21.50
CA GLY H 11 4.89 -12.14 -20.80
C GLY H 11 4.32 -12.07 -19.38
N ALA H 12 3.05 -12.42 -19.24
CA ALA H 12 2.38 -12.40 -17.94
C ALA H 12 3.06 -13.36 -16.94
N GLY H 13 3.37 -14.57 -17.37
CA GLY H 13 4.05 -15.55 -16.51
C GLY H 13 5.43 -15.06 -16.10
N ILE H 14 6.17 -14.49 -17.06
CA ILE H 14 7.51 -14.01 -16.82
C ILE H 14 7.49 -12.87 -15.80
N SER H 15 6.41 -12.10 -15.84
CA SER H 15 6.23 -10.90 -15.03
CA SER H 15 6.30 -10.90 -15.02
CA SER H 15 6.26 -10.89 -15.02
C SER H 15 6.07 -11.18 -13.54
N THR H 16 5.75 -12.44 -13.19
CA THR H 16 5.63 -12.78 -11.77
C THR H 16 6.94 -13.23 -11.13
N ILE H 17 7.98 -13.46 -11.95
CA ILE H 17 9.27 -13.96 -11.41
C ILE H 17 9.80 -13.02 -10.33
N GLY H 18 9.71 -11.72 -10.59
CA GLY H 18 10.23 -10.68 -9.69
C GLY H 18 9.60 -10.69 -8.31
N LEU H 19 8.41 -11.29 -8.18
CA LEU H 19 7.76 -11.50 -6.88
C LEU H 19 8.64 -12.23 -5.86
N LEU H 20 9.57 -13.06 -6.36
CA LEU H 20 10.48 -13.76 -5.44
C LEU H 20 11.28 -12.77 -4.57
N GLY H 21 11.53 -11.57 -5.09
CA GLY H 21 12.26 -10.54 -4.35
C GLY H 21 11.52 -10.07 -3.10
N ALA H 22 10.24 -9.73 -3.26
CA ALA H 22 9.34 -9.43 -2.14
C ALA H 22 9.19 -10.62 -1.18
N GLY H 23 9.01 -11.83 -1.71
CA GLY H 23 8.94 -13.05 -0.87
C GLY H 23 10.12 -13.15 0.10
N ILE H 24 11.33 -12.91 -0.43
CA ILE H 24 12.56 -12.99 0.37
C ILE H 24 12.77 -11.75 1.24
N GLY H 25 12.57 -10.58 0.66
CA GLY H 25 12.73 -9.33 1.38
C GLY H 25 11.78 -9.14 2.56
N ILE H 26 10.48 -9.39 2.36
CA ILE H 26 9.56 -9.35 3.50
C ILE H 26 10.11 -10.20 4.66
N ALA H 27 10.60 -11.40 4.34
CA ALA H 27 11.16 -12.31 5.35
C ALA H 27 12.39 -11.75 6.08
N ILE H 28 13.26 -11.10 5.31
CA ILE H 28 14.50 -10.52 5.82
C ILE H 28 14.18 -9.45 6.88
N VAL H 29 13.14 -8.65 6.59
CA VAL H 29 12.69 -7.63 7.52
C VAL H 29 12.14 -8.25 8.81
N PHE H 30 11.26 -9.24 8.67
CA PHE H 30 10.71 -9.90 9.84
C PHE H 30 11.74 -10.66 10.66
N ALA H 31 12.75 -11.24 10.00
CA ALA H 31 13.87 -11.89 10.68
C ALA H 31 14.62 -10.88 11.55
N ALA H 32 14.88 -9.69 11.00
CA ALA H 32 15.57 -8.64 11.76
C ALA H 32 14.75 -8.23 12.98
N LEU H 33 13.45 -8.05 12.78
CA LEU H 33 12.52 -7.66 13.87
C LEU H 33 12.60 -8.67 15.01
N ILE H 34 12.48 -9.94 14.66
CA ILE H 34 12.46 -11.03 15.63
C ILE H 34 13.80 -11.09 16.37
N ASN H 35 14.90 -11.02 15.62
CA ASN H 35 16.23 -11.02 16.23
CA ASN H 35 16.27 -10.98 16.17
C ASN H 35 16.47 -9.77 17.07
N GLY H 36 16.02 -8.62 16.60
CA GLY H 36 16.20 -7.38 17.35
C GLY H 36 15.44 -7.44 18.67
N VAL H 37 14.18 -7.87 18.62
CA VAL H 37 13.36 -7.97 19.83
C VAL H 37 13.92 -9.02 20.82
N SER H 38 14.38 -10.16 20.30
CA SER H 38 14.97 -11.19 21.15
CA SER H 38 14.96 -11.19 21.15
CA SER H 38 14.99 -11.20 21.15
C SER H 38 16.18 -10.67 21.94
N ARG H 39 17.03 -9.89 21.28
CA ARG H 39 18.24 -9.33 21.91
C ARG H 39 17.94 -8.17 22.86
N ASN H 40 16.88 -7.41 22.56
CA ASN H 40 16.54 -6.20 23.33
C ASN H 40 15.01 -6.01 23.38
N PRO H 41 14.32 -6.76 24.24
CA PRO H 41 12.86 -6.74 24.23
C PRO H 41 12.29 -5.34 24.41
N SER H 42 12.96 -4.47 25.14
CA SER H 42 12.49 -3.09 25.35
C SER H 42 12.43 -2.26 24.06
N ILE H 43 13.09 -2.71 23.00
CA ILE H 43 13.13 -1.87 21.77
C ILE H 43 11.92 -2.16 20.85
N LYS H 44 11.08 -3.13 21.23
CA LYS H 44 9.97 -3.64 20.39
C LYS H 44 9.09 -2.54 19.76
N ASP H 45 8.61 -1.60 20.59
CA ASP H 45 7.69 -0.54 20.13
C ASP H 45 8.36 0.40 19.18
N THR H 46 9.69 0.48 19.26
CA THR H 46 10.50 1.33 18.38
C THR H 46 10.71 0.70 17.00
N VAL H 47 11.03 -0.59 16.98
CA VAL H 47 11.39 -1.22 15.71
C VAL H 47 10.18 -1.80 14.97
N PHE H 48 9.08 -2.05 15.67
CA PHE H 48 7.92 -2.63 15.00
C PHE H 48 7.42 -1.77 13.84
N PRO H 49 7.35 -0.43 14.05
CA PRO H 49 6.92 0.41 12.91
C PRO H 49 7.94 0.44 11.77
N MET H 50 9.22 0.24 12.08
CA MET H 50 10.28 0.14 11.07
C MET H 50 10.11 -1.10 10.21
N ALA H 51 9.74 -2.20 10.85
CA ALA H 51 9.42 -3.44 10.17
C ALA H 51 8.16 -3.33 9.30
N ILE H 52 7.14 -2.63 9.79
CA ILE H 52 5.95 -2.39 8.97
C ILE H 52 6.34 -1.60 7.73
N LEU H 53 7.13 -0.54 7.91
CA LEU H 53 7.54 0.30 6.77
C LEU H 53 8.40 -0.49 5.80
N GLY H 54 9.34 -1.26 6.35
CA GLY H 54 10.27 -2.05 5.54
C GLY H 54 9.56 -3.11 4.71
N PHE H 55 8.61 -3.82 5.32
CA PHE H 55 7.92 -4.85 4.58
C PHE H 55 6.97 -4.24 3.54
N ALA H 56 6.32 -3.12 3.87
CA ALA H 56 5.43 -2.47 2.90
C ALA H 56 6.20 -2.01 1.66
N LEU H 57 7.39 -1.46 1.86
CA LEU H 57 8.20 -0.98 0.76
C LEU H 57 8.74 -2.13 -0.10
N SER H 58 9.17 -3.22 0.56
CA SER H 58 9.66 -4.39 -0.15
C SER H 58 8.53 -5.01 -0.98
N GLU H 59 7.38 -5.16 -0.33
CA GLU H 59 6.17 -5.69 -0.92
C GLU H 59 5.70 -4.91 -2.14
N ALA H 60 5.86 -3.58 -2.12
CA ALA H 60 5.51 -2.73 -3.26
C ALA H 60 6.19 -3.15 -4.57
N THR H 61 7.46 -3.59 -4.48
CA THR H 61 8.18 -4.04 -5.68
C THR H 61 7.48 -5.23 -6.32
N GLY H 62 7.00 -6.15 -5.47
CA GLY H 62 6.18 -7.29 -5.90
C GLY H 62 4.86 -6.87 -6.54
N LEU H 63 4.25 -5.82 -5.99
CA LEU H 63 3.00 -5.27 -6.53
C LEU H 63 3.22 -4.74 -7.94
N PHE H 64 4.37 -4.12 -8.18
CA PHE H 64 4.69 -3.55 -9.50
C PHE H 64 4.78 -4.65 -10.57
N CYS H 65 5.44 -5.76 -10.24
CA CYS H 65 5.50 -6.92 -11.14
C CYS H 65 4.10 -7.46 -11.46
N LEU H 66 3.25 -7.51 -10.43
CA LEU H 66 1.91 -8.08 -10.53
C LEU H 66 1.00 -7.17 -11.37
N MET H 67 1.22 -5.87 -11.24
CA MET H 67 0.54 -4.86 -12.04
C MET H 67 0.81 -5.10 -13.52
N VAL H 68 2.06 -5.38 -13.86
CA VAL H 68 2.44 -5.63 -15.25
C VAL H 68 1.84 -6.95 -15.71
N SER H 69 1.89 -7.96 -14.83
CA SER H 69 1.23 -9.24 -15.05
C SER H 69 -0.25 -9.09 -15.45
N PHE H 70 -0.98 -8.24 -14.74
CA PHE H 70 -2.41 -8.08 -14.98
C PHE H 70 -2.72 -7.18 -16.18
N LEU H 71 -1.81 -6.25 -16.47
CA LEU H 71 -1.88 -5.44 -17.67
C LEU H 71 -1.72 -6.29 -18.93
N LEU H 72 -0.85 -7.29 -18.85
CA LEU H 72 -0.69 -8.25 -19.95
C LEU H 72 -1.83 -9.25 -20.02
N LEU H 73 -2.37 -9.65 -18.87
CA LEU H 73 -3.52 -10.54 -18.83
C LEU H 73 -4.82 -9.88 -19.31
N PHE H 74 -5.12 -8.70 -18.77
CA PHE H 74 -6.41 -8.06 -18.99
C PHE H 74 -6.34 -6.76 -19.81
N GLY H 75 -5.14 -6.36 -20.22
CA GLY H 75 -4.97 -5.15 -21.01
C GLY H 75 -4.46 -5.42 -22.42
N GLN I 2 2.60 -7.81 -36.02
CA GLN I 2 2.24 -8.72 -34.89
C GLN I 2 3.48 -9.24 -34.16
N LEU I 3 4.55 -9.45 -34.90
CA LEU I 3 5.81 -9.90 -34.31
C LEU I 3 6.39 -8.81 -33.41
N VAL I 4 6.22 -7.56 -33.82
CA VAL I 4 6.72 -6.41 -33.06
C VAL I 4 5.93 -6.23 -31.75
N LEU I 5 4.61 -6.31 -31.83
CA LEU I 5 3.77 -6.23 -30.64
C LEU I 5 4.09 -7.40 -29.70
N ALA I 6 4.27 -8.59 -30.28
CA ALA I 6 4.63 -9.78 -29.52
C ALA I 6 5.91 -9.57 -28.72
N ALA I 7 6.93 -9.03 -29.37
CA ALA I 7 8.23 -8.81 -28.72
C ALA I 7 8.18 -7.73 -27.65
N LYS I 8 7.33 -6.73 -27.87
CA LYS I 8 7.08 -5.68 -26.87
C LYS I 8 6.51 -6.27 -25.58
N TYR I 9 5.60 -7.23 -25.72
CA TYR I 9 4.94 -7.82 -24.56
C TYR I 9 5.84 -8.79 -23.79
N ILE I 10 6.55 -9.65 -24.53
CA ILE I 10 7.55 -10.53 -23.92
C ILE I 10 8.59 -9.67 -23.19
N GLY I 11 9.16 -8.71 -23.91
CA GLY I 11 10.19 -7.81 -23.38
C GLY I 11 9.74 -7.04 -22.16
N ALA I 12 8.47 -6.61 -22.16
CA ALA I 12 7.90 -5.96 -20.98
C ALA I 12 7.95 -6.88 -19.76
N GLY I 13 7.53 -8.12 -19.93
CA GLY I 13 7.54 -9.10 -18.84
C GLY I 13 8.93 -9.38 -18.33
N ILE I 14 9.87 -9.54 -19.24
CA ILE I 14 11.27 -9.75 -18.90
C ILE I 14 11.83 -8.58 -18.07
N SER I 15 11.36 -7.36 -18.37
CA SER I 15 11.84 -6.12 -17.76
CA SER I 15 11.93 -6.17 -17.73
CA SER I 15 11.87 -6.14 -17.75
C SER I 15 11.46 -5.96 -16.29
N THR I 16 10.58 -6.83 -15.80
CA THR I 16 10.20 -6.74 -14.38
C THR I 16 11.05 -7.66 -13.49
N ILE I 17 11.81 -8.57 -14.10
CA ILE I 17 12.65 -9.50 -13.34
C ILE I 17 13.55 -8.75 -12.35
N GLY I 18 14.23 -7.73 -12.88
CA GLY I 18 15.16 -6.89 -12.14
C GLY I 18 14.60 -6.24 -10.88
N LEU I 19 13.27 -6.11 -10.81
CA LEU I 19 12.62 -5.61 -9.58
C LEU I 19 12.91 -6.49 -8.36
N LEU I 20 13.30 -7.75 -8.59
CA LEU I 20 13.63 -8.62 -7.46
C LEU I 20 14.79 -8.04 -6.63
N GLY I 21 15.68 -7.29 -7.28
CA GLY I 21 16.85 -6.70 -6.60
C GLY I 21 16.46 -5.64 -5.57
N ALA I 22 15.54 -4.76 -5.97
CA ALA I 22 14.94 -3.77 -5.08
C ALA I 22 14.16 -4.43 -3.95
N GLY I 23 13.38 -5.47 -4.25
CA GLY I 23 12.63 -6.18 -3.19
C GLY I 23 13.52 -6.70 -2.07
N ILE I 24 14.66 -7.26 -2.48
CA ILE I 24 15.62 -7.79 -1.53
C ILE I 24 16.41 -6.64 -0.92
N GLY I 25 16.82 -5.70 -1.76
CA GLY I 25 17.66 -4.56 -1.31
C GLY I 25 16.99 -3.68 -0.27
N ILE I 26 15.76 -3.27 -0.54
CA ILE I 26 15.00 -2.48 0.44
C ILE I 26 15.01 -3.17 1.82
N ALA I 27 14.83 -4.48 1.80
CA ALA I 27 14.73 -5.28 3.01
C ALA I 27 16.05 -5.33 3.78
N ILE I 28 17.15 -5.44 3.04
CA ILE I 28 18.48 -5.48 3.63
C ILE I 28 18.75 -4.19 4.39
N VAL I 29 18.32 -3.06 3.80
CA VAL I 29 18.57 -1.75 4.39
C VAL I 29 17.77 -1.67 5.69
N PHE I 30 16.49 -2.07 5.62
CA PHE I 30 15.61 -2.00 6.79
C PHE I 30 15.99 -3.01 7.88
N ALA I 31 16.47 -4.18 7.48
CA ALA I 31 17.02 -5.16 8.44
C ALA I 31 18.16 -4.54 9.24
N ALA I 32 19.06 -3.83 8.55
CA ALA I 32 20.19 -3.14 9.21
C ALA I 32 19.69 -2.04 10.16
N LEU I 33 18.72 -1.25 9.72
CA LEU I 33 18.11 -0.24 10.59
C LEU I 33 17.59 -0.87 11.90
N ILE I 34 16.83 -1.95 11.76
CA ILE I 34 16.27 -2.60 12.92
C ILE I 34 17.35 -3.19 13.84
N ASN I 35 18.31 -3.90 13.25
CA ASN I 35 19.39 -4.49 14.04
CA ASN I 35 19.45 -4.49 13.99
C ASN I 35 20.27 -3.42 14.71
N GLY I 36 20.55 -2.35 13.99
CA GLY I 36 21.39 -1.30 14.57
C GLY I 36 20.72 -0.57 15.72
N VAL I 37 19.45 -0.23 15.53
CA VAL I 37 18.66 0.39 16.59
C VAL I 37 18.51 -0.57 17.80
N SER I 38 18.27 -1.86 17.57
CA SER I 38 18.16 -2.82 18.68
CA SER I 38 18.16 -2.82 18.68
CA SER I 38 18.15 -2.81 18.68
C SER I 38 19.44 -2.87 19.53
N ARG I 39 20.59 -2.80 18.86
CA ARG I 39 21.87 -2.87 19.58
C ARG I 39 22.23 -1.55 20.23
N ASN I 40 21.76 -0.45 19.65
CA ASN I 40 22.11 0.89 20.14
C ASN I 40 20.95 1.85 19.93
N PRO I 41 19.94 1.77 20.82
CA PRO I 41 18.75 2.59 20.66
C PRO I 41 19.02 4.07 20.43
N SER I 42 20.05 4.63 21.06
CA SER I 42 20.33 6.09 20.98
C SER I 42 20.78 6.53 19.58
N ILE I 43 21.16 5.59 18.71
CA ILE I 43 21.64 5.96 17.38
C ILE I 43 20.50 6.17 16.35
N LYS I 44 19.26 5.93 16.76
CA LYS I 44 18.10 5.92 15.86
C LYS I 44 17.98 7.14 14.93
N ASP I 45 18.04 8.34 15.51
CA ASP I 45 17.89 9.57 14.73
C ASP I 45 19.02 9.78 13.73
N THR I 46 20.16 9.15 13.97
CA THR I 46 21.31 9.21 13.07
C THR I 46 21.12 8.26 11.87
N VAL I 47 20.75 7.02 12.14
CA VAL I 47 20.72 6.01 11.09
C VAL I 47 19.40 5.98 10.34
N PHE I 48 18.34 6.53 10.93
CA PHE I 48 17.05 6.49 10.21
C PHE I 48 17.12 7.21 8.85
N PRO I 49 17.70 8.44 8.79
CA PRO I 49 17.82 9.12 7.49
C PRO I 49 18.75 8.38 6.51
N MET I 50 19.70 7.61 7.04
CA MET I 50 20.54 6.75 6.20
C MET I 50 19.75 5.64 5.54
N ALA I 51 18.81 5.06 6.30
CA ALA I 51 17.94 3.99 5.82
C ALA I 51 17.00 4.50 4.74
N ILE I 52 16.50 5.73 4.91
CA ILE I 52 15.63 6.35 3.91
C ILE I 52 16.38 6.61 2.59
N LEU I 53 17.59 7.15 2.69
CA LEU I 53 18.47 7.32 1.52
C LEU I 53 18.80 5.99 0.82
N GLY I 54 19.18 4.99 1.62
CA GLY I 54 19.59 3.69 1.08
C GLY I 54 18.44 3.01 0.36
N PHE I 55 17.25 3.03 0.97
CA PHE I 55 16.13 2.34 0.36
C PHE I 55 15.70 3.05 -0.96
N ALA I 56 15.72 4.37 -0.97
CA ALA I 56 15.34 5.16 -2.17
C ALA I 56 16.25 4.87 -3.36
N LEU I 57 17.54 4.78 -3.10
CA LEU I 57 18.53 4.47 -4.13
C LEU I 57 18.38 3.02 -4.65
N SER I 58 18.15 2.08 -3.74
CA SER I 58 17.91 0.69 -4.13
C SER I 58 16.59 0.57 -4.93
N GLU I 59 15.50 1.13 -4.40
CA GLU I 59 14.20 1.12 -5.08
C GLU I 59 14.26 1.71 -6.49
N ALA I 60 15.05 2.77 -6.69
CA ALA I 60 15.19 3.40 -7.99
C ALA I 60 15.69 2.47 -9.09
N THR I 61 16.56 1.49 -8.74
CA THR I 61 17.04 0.52 -9.72
C THR I 61 15.86 -0.27 -10.27
N GLY I 62 14.94 -0.61 -9.37
CA GLY I 62 13.71 -1.31 -9.73
C GLY I 62 12.75 -0.43 -10.54
N LEU I 63 12.68 0.86 -10.21
CA LEU I 63 11.79 1.75 -10.95
C LEU I 63 12.27 1.95 -12.39
N PHE I 64 13.57 1.84 -12.61
CA PHE I 64 14.13 1.93 -13.95
C PHE I 64 13.79 0.72 -14.82
N CYS I 65 13.79 -0.47 -14.20
CA CYS I 65 13.29 -1.69 -14.84
C CYS I 65 11.83 -1.50 -15.26
N LEU I 66 11.01 -1.00 -14.33
CA LEU I 66 9.60 -0.77 -14.57
C LEU I 66 9.38 0.30 -15.64
N MET I 67 10.29 1.27 -15.71
CA MET I 67 10.24 2.28 -16.76
C MET I 67 10.43 1.65 -18.13
N VAL I 68 11.44 0.78 -18.27
CA VAL I 68 11.66 0.07 -19.53
C VAL I 68 10.45 -0.79 -19.84
N SER I 69 9.88 -1.41 -18.81
CA SER I 69 8.64 -2.17 -18.91
C SER I 69 7.47 -1.37 -19.50
N PHE I 70 7.26 -0.16 -18.99
CA PHE I 70 6.17 0.70 -19.49
C PHE I 70 6.46 1.32 -20.86
N LEU I 71 7.74 1.56 -21.16
CA LEU I 71 8.15 2.02 -22.49
C LEU I 71 7.88 0.96 -23.55
N LEU I 72 8.16 -0.30 -23.23
CA LEU I 72 7.89 -1.41 -24.16
C LEU I 72 6.40 -1.65 -24.31
N LEU I 73 5.67 -1.60 -23.19
CA LEU I 73 4.22 -1.74 -23.20
C LEU I 73 3.56 -0.65 -24.02
N PHE I 74 3.74 0.61 -23.62
CA PHE I 74 2.95 1.72 -24.12
C PHE I 74 3.67 2.69 -25.06
N GLY I 75 4.99 2.84 -24.90
CA GLY I 75 5.76 3.79 -25.69
C GLY I 75 6.23 3.21 -27.01
N GLN J 2 10.65 -6.09 -39.07
CA GLN J 2 9.85 -6.81 -38.05
C GLN J 2 10.75 -7.59 -37.10
N LEU J 3 11.57 -8.46 -37.67
CA LEU J 3 12.43 -9.37 -36.90
C LEU J 3 13.51 -8.63 -36.09
N VAL J 4 14.22 -7.72 -36.76
CA VAL J 4 15.30 -6.94 -36.13
C VAL J 4 14.71 -6.05 -35.02
N LEU J 5 13.58 -5.40 -35.31
CA LEU J 5 12.85 -4.62 -34.33
C LEU J 5 12.47 -5.44 -33.10
N ALA J 6 11.87 -6.60 -33.34
CA ALA J 6 11.48 -7.53 -32.29
C ALA J 6 12.66 -7.90 -31.38
N ALA J 7 13.80 -8.20 -32.00
CA ALA J 7 15.01 -8.57 -31.27
C ALA J 7 15.56 -7.44 -30.40
N LYS J 8 15.41 -6.21 -30.88
CA LYS J 8 15.84 -5.02 -30.14
C LYS J 8 15.01 -4.89 -28.88
N TYR J 9 13.72 -5.15 -29.00
CA TYR J 9 12.80 -4.97 -27.89
C TYR J 9 12.94 -6.05 -26.84
N ILE J 10 13.10 -7.30 -27.29
CA ILE J 10 13.35 -8.40 -26.35
C ILE J 10 14.70 -8.19 -25.67
N GLY J 11 15.70 -7.81 -26.46
CA GLY J 11 17.04 -7.60 -25.93
C GLY J 11 17.08 -6.46 -24.91
N ALA J 12 16.33 -5.40 -25.17
CA ALA J 12 16.24 -4.27 -24.23
C ALA J 12 15.66 -4.71 -22.90
N GLY J 13 14.64 -5.56 -22.96
CA GLY J 13 14.04 -6.13 -21.75
C GLY J 13 15.02 -6.96 -20.95
N ILE J 14 15.72 -7.85 -21.64
CA ILE J 14 16.75 -8.70 -21.02
C ILE J 14 17.84 -7.85 -20.34
N SER J 15 18.19 -6.74 -21.00
CA SER J 15 19.28 -5.85 -20.56
CA SER J 15 19.29 -5.89 -20.55
CA SER J 15 19.29 -5.88 -20.55
C SER J 15 19.06 -5.23 -19.18
N THR J 16 17.81 -5.19 -18.73
CA THR J 16 17.51 -4.62 -17.40
C THR J 16 17.68 -5.63 -16.24
N ILE J 17 17.79 -6.92 -16.56
CA ILE J 17 17.96 -7.93 -15.51
C ILE J 17 19.13 -7.55 -14.60
N GLY J 18 20.22 -7.09 -15.22
CA GLY J 18 21.46 -6.75 -14.51
C GLY J 18 21.31 -5.71 -13.42
N LEU J 19 20.28 -4.86 -13.53
CA LEU J 19 19.97 -3.86 -12.51
C LEU J 19 19.73 -4.43 -11.12
N LEU J 20 19.41 -5.73 -11.03
CA LEU J 20 19.15 -6.33 -9.72
C LEU J 20 20.41 -6.33 -8.85
N GLY J 21 21.57 -6.43 -9.51
CA GLY J 21 22.87 -6.39 -8.84
C GLY J 21 23.09 -5.08 -8.09
N ALA J 22 22.78 -3.97 -8.76
CA ALA J 22 22.84 -2.64 -8.14
C ALA J 22 21.79 -2.50 -7.04
N GLY J 23 20.56 -2.98 -7.28
CA GLY J 23 19.53 -2.93 -6.26
C GLY J 23 19.97 -3.57 -4.94
N ILE J 24 20.64 -4.72 -5.07
CA ILE J 24 21.12 -5.47 -3.91
C ILE J 24 22.40 -4.83 -3.37
N GLY J 25 23.31 -4.50 -4.27
CA GLY J 25 24.60 -3.97 -3.86
C GLY J 25 24.47 -2.64 -3.13
N ILE J 26 23.62 -1.75 -3.66
CA ILE J 26 23.45 -0.45 -3.00
C ILE J 26 23.01 -0.68 -1.54
N ALA J 27 22.07 -1.62 -1.37
CA ALA J 27 21.54 -1.95 -0.07
C ALA J 27 22.60 -2.53 0.88
N ILE J 28 23.45 -3.42 0.36
CA ILE J 28 24.55 -4.01 1.12
C ILE J 28 25.50 -2.93 1.68
N VAL J 29 25.80 -1.92 0.87
CA VAL J 29 26.66 -0.82 1.28
C VAL J 29 26.00 -0.03 2.40
N PHE J 30 24.71 0.25 2.24
CA PHE J 30 23.99 1.07 3.21
C PHE J 30 23.73 0.32 4.50
N ALA J 31 23.57 -0.99 4.41
CA ALA J 31 23.45 -1.86 5.58
C ALA J 31 24.72 -1.84 6.40
N ALA J 32 25.88 -1.98 5.74
CA ALA J 32 27.16 -1.85 6.43
C ALA J 32 27.32 -0.46 7.08
N LEU J 33 26.95 0.61 6.37
CA LEU J 33 27.00 1.97 6.93
C LEU J 33 26.20 2.06 8.24
N ILE J 34 24.95 1.59 8.19
CA ILE J 34 24.06 1.63 9.33
C ILE J 34 24.61 0.74 10.48
N ASN J 35 25.07 -0.48 10.18
CA ASN J 35 25.61 -1.33 11.23
CA ASN J 35 25.67 -1.38 11.18
C ASN J 35 26.92 -0.77 11.80
N GLY J 36 27.76 -0.19 10.95
CA GLY J 36 29.02 0.35 11.42
C GLY J 36 28.86 1.56 12.33
N VAL J 37 27.96 2.46 11.94
CA VAL J 37 27.62 3.63 12.77
C VAL J 37 26.93 3.25 14.11
N SER J 38 26.03 2.26 14.09
CA SER J 38 25.40 1.79 15.31
CA SER J 38 25.40 1.78 15.31
CA SER J 38 25.40 1.80 15.32
C SER J 38 26.43 1.27 16.32
N ARG J 39 27.43 0.52 15.82
CA ARG J 39 28.47 -0.06 16.70
C ARG J 39 29.48 1.00 17.15
N ASN J 40 29.67 2.03 16.33
CA ASN J 40 30.71 3.00 16.62
C ASN J 40 30.29 4.36 16.08
N PRO J 41 29.39 5.05 16.80
CA PRO J 41 28.83 6.32 16.32
C PRO J 41 29.91 7.31 15.89
N SER J 42 31.04 7.34 16.60
CA SER J 42 32.11 8.31 16.32
C SER J 42 32.73 8.13 14.92
N ILE J 43 32.57 6.96 14.29
CA ILE J 43 33.20 6.67 12.98
C ILE J 43 32.39 7.24 11.79
N LYS J 44 31.20 7.78 12.05
CA LYS J 44 30.28 8.21 10.99
C LYS J 44 30.91 9.07 9.87
N ASP J 45 31.65 10.11 10.26
CA ASP J 45 32.24 11.02 9.27
C ASP J 45 33.29 10.34 8.40
N THR J 46 33.93 9.28 8.91
CA THR J 46 34.93 8.49 8.19
C THR J 46 34.27 7.48 7.22
N VAL J 47 33.24 6.76 7.66
CA VAL J 47 32.67 5.72 6.80
C VAL J 47 31.63 6.23 5.79
N PHE J 48 30.98 7.36 6.08
CA PHE J 48 29.93 7.88 5.19
C PHE J 48 30.47 8.11 3.76
N PRO J 49 31.63 8.81 3.62
CA PRO J 49 32.18 8.95 2.26
C PRO J 49 32.56 7.61 1.60
N MET J 50 32.89 6.59 2.40
CA MET J 50 33.16 5.26 1.85
C MET J 50 31.87 4.64 1.32
N ALA J 51 30.77 4.88 2.05
CA ALA J 51 29.45 4.40 1.63
C ALA J 51 28.98 5.09 0.34
N ILE J 52 29.30 6.38 0.20
CA ILE J 52 28.95 7.13 -1.02
C ILE J 52 29.71 6.60 -2.23
N LEU J 53 31.03 6.47 -2.08
CA LEU J 53 31.88 5.82 -3.11
C LEU J 53 31.38 4.40 -3.47
N GLY J 54 31.12 3.57 -2.45
CA GLY J 54 30.69 2.18 -2.71
C GLY J 54 29.36 2.10 -3.46
N PHE J 55 28.39 2.89 -3.04
CA PHE J 55 27.10 2.93 -3.71
C PHE J 55 27.26 3.42 -5.16
N ALA J 56 28.07 4.45 -5.39
CA ALA J 56 28.30 4.98 -6.74
C ALA J 56 28.91 3.93 -7.67
N LEU J 57 29.89 3.19 -7.17
CA LEU J 57 30.55 2.20 -7.99
C LEU J 57 29.62 1.01 -8.31
N SER J 58 28.84 0.58 -7.32
CA SER J 58 27.87 -0.50 -7.51
C SER J 58 26.74 -0.08 -8.48
N GLU J 59 26.24 1.13 -8.26
CA GLU J 59 25.24 1.75 -9.12
C GLU J 59 25.69 1.86 -10.59
N ALA J 60 26.98 2.14 -10.82
CA ALA J 60 27.49 2.29 -12.17
C ALA J 60 27.29 1.03 -13.04
N THR J 61 27.30 -0.15 -12.42
CA THR J 61 27.03 -1.39 -13.15
C THR J 61 25.60 -1.44 -13.68
N GLY J 62 24.66 -0.92 -12.91
CA GLY J 62 23.26 -0.83 -13.34
C GLY J 62 23.16 0.16 -14.49
N LEU J 63 23.82 1.31 -14.33
CA LEU J 63 23.91 2.31 -15.37
C LEU J 63 24.34 1.69 -16.71
N PHE J 64 25.41 0.89 -16.70
CA PHE J 64 25.89 0.20 -17.91
C PHE J 64 24.82 -0.68 -18.56
N CYS J 65 24.09 -1.45 -17.74
CA CYS J 65 22.94 -2.23 -18.21
C CYS J 65 21.87 -1.36 -18.86
N LEU J 66 21.54 -0.26 -18.20
CA LEU J 66 20.48 0.61 -18.64
C LEU J 66 20.88 1.34 -19.93
N MET J 67 22.16 1.68 -20.04
CA MET J 67 22.73 2.23 -21.27
C MET J 67 22.47 1.30 -22.46
N VAL J 68 22.78 0.02 -22.28
CA VAL J 68 22.59 -0.98 -23.33
C VAL J 68 21.10 -1.10 -23.67
N SER J 69 20.27 -1.13 -22.63
CA SER J 69 18.83 -1.12 -22.81
C SER J 69 18.33 0.02 -23.71
N PHE J 70 18.80 1.23 -23.42
CA PHE J 70 18.39 2.42 -24.17
C PHE J 70 18.94 2.42 -25.60
N LEU J 71 20.17 1.93 -25.77
CA LEU J 71 20.77 1.70 -27.09
C LEU J 71 19.92 0.77 -27.94
N LEU J 72 19.43 -0.32 -27.32
CA LEU J 72 18.55 -1.25 -28.03
C LEU J 72 17.18 -0.63 -28.31
N LEU J 73 16.63 0.08 -27.31
CA LEU J 73 15.31 0.68 -27.41
C LEU J 73 15.19 1.77 -28.49
N PHE J 74 16.11 2.73 -28.46
CA PHE J 74 15.99 3.94 -29.28
C PHE J 74 17.10 4.06 -30.32
N GLY J 75 18.28 3.53 -30.02
CA GLY J 75 19.40 3.54 -30.95
C GLY J 75 19.24 2.51 -32.08
#